data_1O62
#
_entry.id   1O62
#
_cell.length_a   152.189
_cell.length_b   152.189
_cell.length_c   77.119
_cell.angle_alpha   90.00
_cell.angle_beta   90.00
_cell.angle_gamma   120.00
#
_symmetry.space_group_name_H-M   'P 65'
#
loop_
_entity.id
_entity.type
_entity.pdbx_description
1 polymer aminotransferase
2 non-polymer 'ACETATE ION'
3 non-polymer BETA-MERCAPTOETHANOL
4 water water
#
_entity_poly.entity_id   1
_entity_poly.type   'polypeptide(L)'
_entity_poly.pdbx_seq_one_letter_code
;MRFFLSPPHMGGNELKYIEEVFKSNYIAPLGEFVNRFEQSVKDYSKSENALALNSATAALHLALRVAGVKQDDIVLASSF
TFIASVAPICYLKAKPVFIDCDETYNIDVDLLKLAIKECEKKPKALILTHLYGNAAKMDEIVEICKENDIVLIEDAAEAL
GSFYKNKALGTFGEFGVYSYNGNKIITTSGGGMLIGKNKEKIEKARFYSTQARENCLHYEHLDYGYNYRLSNVLGAIGVA
QMEVLEQRVLKKREIYEWYKEFLGEYFSFLDELENSRSNRWLSTALINFDKNELNACQKDINISQKNITLHPKISKLIED
LKNKQIETRPLWKAMHTQEVFKGAKAYLNGNSELFFQKGICLPSGTAMSKDDVYEISKLILKSIKAGSHHHHHH
;
_entity_poly.pdbx_strand_id   A,B
#
loop_
_chem_comp.id
_chem_comp.type
_chem_comp.name
_chem_comp.formula
ACT non-polymer 'ACETATE ION' 'C2 H3 O2 -1'
BME non-polymer BETA-MERCAPTOETHANOL 'C2 H6 O S'
#
# COMPACT_ATOMS: atom_id res chain seq x y z
N GLY A 12 -22.39 -7.64 12.91
CA GLY A 12 -21.91 -6.60 11.97
C GLY A 12 -22.48 -6.76 10.57
N ASN A 13 -22.58 -5.65 9.84
CA ASN A 13 -23.11 -5.70 8.49
C ASN A 13 -22.04 -5.96 7.43
N GLU A 14 -20.87 -6.43 7.86
CA GLU A 14 -19.79 -6.69 6.90
C GLU A 14 -20.23 -7.50 5.69
N LEU A 15 -20.74 -8.71 5.93
CA LEU A 15 -21.20 -9.57 4.84
C LEU A 15 -22.26 -8.90 3.99
N LYS A 16 -23.27 -8.33 4.63
CA LYS A 16 -24.34 -7.65 3.92
C LYS A 16 -23.78 -6.60 2.97
N TYR A 17 -22.92 -5.73 3.50
CA TYR A 17 -22.34 -4.68 2.68
C TYR A 17 -21.46 -5.18 1.55
N ILE A 18 -20.67 -6.22 1.82
CA ILE A 18 -19.80 -6.79 0.79
C ILE A 18 -20.66 -7.40 -0.32
N GLU A 19 -21.78 -8.02 0.04
CA GLU A 19 -22.66 -8.61 -0.96
C GLU A 19 -23.21 -7.51 -1.86
N GLU A 20 -23.54 -6.37 -1.25
CA GLU A 20 -24.07 -5.23 -2.00
C GLU A 20 -23.04 -4.73 -3.00
N VAL A 21 -21.78 -4.68 -2.58
CA VAL A 21 -20.71 -4.23 -3.46
C VAL A 21 -20.69 -5.09 -4.72
N PHE A 22 -20.63 -6.40 -4.53
CA PHE A 22 -20.58 -7.32 -5.66
C PHE A 22 -21.83 -7.28 -6.54
N LYS A 23 -22.99 -7.25 -5.90
CA LYS A 23 -24.25 -7.24 -6.63
C LYS A 23 -24.56 -5.98 -7.43
N SER A 24 -24.19 -4.82 -6.91
CA SER A 24 -24.49 -3.57 -7.62
C SER A 24 -23.30 -2.93 -8.31
N ASN A 25 -22.16 -3.60 -8.27
CA ASN A 25 -20.95 -3.07 -8.89
C ASN A 25 -21.17 -2.66 -10.34
N TYR A 26 -21.89 -3.50 -11.07
CA TYR A 26 -22.16 -3.26 -12.49
C TYR A 26 -22.99 -2.02 -12.79
N ILE A 27 -23.71 -1.49 -11.81
CA ILE A 27 -24.60 -0.38 -12.07
C ILE A 27 -24.42 0.87 -11.20
N ALA A 28 -23.96 0.68 -9.98
CA ALA A 28 -23.81 1.78 -9.03
C ALA A 28 -22.68 2.78 -9.23
N PRO A 29 -22.77 3.93 -8.54
CA PRO A 29 -21.74 4.96 -8.64
C PRO A 29 -20.40 4.38 -8.17
N LEU A 30 -19.32 5.01 -8.62
CA LEU A 30 -17.97 4.56 -8.27
C LEU A 30 -17.61 4.77 -6.81
N GLY A 31 -16.97 3.77 -6.21
CA GLY A 31 -16.52 3.84 -4.82
C GLY A 31 -17.55 4.15 -3.77
N GLU A 32 -18.77 3.68 -4.01
CA GLU A 32 -19.89 3.90 -3.09
C GLU A 32 -19.51 3.71 -1.62
N PHE A 33 -19.00 2.53 -1.26
CA PHE A 33 -18.64 2.30 0.14
C PHE A 33 -17.39 3.02 0.61
N VAL A 34 -16.53 3.42 -0.31
CA VAL A 34 -15.34 4.17 0.09
C VAL A 34 -15.84 5.55 0.50
N ASN A 35 -16.79 6.08 -0.28
CA ASN A 35 -17.37 7.40 -0.01
C ASN A 35 -18.12 7.40 1.31
N ARG A 36 -18.86 6.32 1.57
CA ARG A 36 -19.62 6.22 2.80
C ARG A 36 -18.69 6.05 4.00
N PHE A 37 -17.59 5.34 3.80
CA PHE A 37 -16.61 5.11 4.88
C PHE A 37 -16.02 6.45 5.32
N GLU A 38 -15.62 7.26 4.35
CA GLU A 38 -15.06 8.57 4.65
C GLU A 38 -16.08 9.46 5.37
N GLN A 39 -17.32 9.48 4.88
CA GLN A 39 -18.37 10.30 5.50
C GLN A 39 -18.65 9.87 6.92
N SER A 40 -18.62 8.57 7.19
CA SER A 40 -18.87 8.07 8.54
C SER A 40 -17.79 8.56 9.50
N VAL A 41 -16.55 8.60 9.02
CA VAL A 41 -15.45 9.05 9.86
C VAL A 41 -15.54 10.56 10.11
N LYS A 42 -15.97 11.32 9.10
CA LYS A 42 -16.13 12.75 9.25
C LYS A 42 -17.24 13.03 10.25
N ASP A 43 -18.36 12.32 10.12
CA ASP A 43 -19.47 12.50 11.04
C ASP A 43 -19.04 12.22 12.47
N TYR A 44 -18.26 11.16 12.65
CA TYR A 44 -17.80 10.78 13.99
C TYR A 44 -16.73 11.68 14.59
N SER A 45 -15.69 11.97 13.80
CA SER A 45 -14.57 12.80 14.25
C SER A 45 -14.83 14.30 14.13
N LYS A 46 -15.73 14.67 13.21
CA LYS A 46 -16.06 16.06 12.94
C LYS A 46 -15.01 16.74 12.08
N SER A 47 -14.13 15.94 11.47
CA SER A 47 -13.12 16.50 10.59
C SER A 47 -13.86 16.82 9.30
N GLU A 48 -13.44 17.87 8.62
CA GLU A 48 -14.09 18.27 7.37
C GLU A 48 -13.52 17.56 6.14
N ASN A 49 -12.49 16.74 6.33
CA ASN A 49 -11.88 16.03 5.21
C ASN A 49 -11.43 14.62 5.59
N ALA A 50 -11.71 13.66 4.71
CA ALA A 50 -11.32 12.27 4.95
C ALA A 50 -10.93 11.55 3.67
N LEU A 51 -9.88 10.76 3.74
CA LEU A 51 -9.35 10.00 2.61
C LEU A 51 -9.07 8.55 3.01
N ALA A 52 -9.86 7.62 2.48
CA ALA A 52 -9.71 6.19 2.76
C ALA A 52 -8.55 5.62 1.95
N LEU A 53 -7.57 5.06 2.65
CA LEU A 53 -6.38 4.50 2.03
C LEU A 53 -6.12 3.05 2.46
N ASN A 54 -5.12 2.44 1.84
CA ASN A 54 -4.68 1.04 2.09
C ASN A 54 -4.29 0.75 3.52
N SER A 55 -3.72 1.74 4.19
CA SER A 55 -3.28 1.55 5.57
C SER A 55 -3.01 2.88 6.23
N ALA A 56 -2.76 2.82 7.54
CA ALA A 56 -2.45 4.01 8.32
C ALA A 56 -1.03 4.47 7.99
N THR A 57 -0.16 3.53 7.67
CA THR A 57 1.21 3.90 7.32
C THR A 57 1.18 4.73 6.03
N ALA A 58 0.35 4.30 5.08
CA ALA A 58 0.21 5.02 3.83
C ALA A 58 -0.37 6.41 4.10
N ALA A 59 -1.31 6.50 5.04
CA ALA A 59 -1.91 7.79 5.39
C ALA A 59 -0.82 8.74 5.90
N LEU A 60 0.03 8.23 6.78
CA LEU A 60 1.12 9.01 7.34
C LEU A 60 2.10 9.45 6.25
N HIS A 61 2.38 8.55 5.32
CA HIS A 61 3.30 8.83 4.21
C HIS A 61 2.79 10.02 3.39
N LEU A 62 1.51 10.00 3.01
CA LEU A 62 0.94 11.10 2.22
C LEU A 62 0.91 12.40 3.03
N ALA A 63 0.57 12.29 4.31
CA ALA A 63 0.54 13.47 5.17
C ALA A 63 1.91 14.15 5.17
N LEU A 64 2.96 13.37 5.42
CA LEU A 64 4.30 13.92 5.43
C LEU A 64 4.63 14.57 4.10
N ARG A 65 4.29 13.92 2.99
CA ARG A 65 4.59 14.46 1.68
C ARG A 65 3.83 15.75 1.34
N VAL A 66 2.53 15.80 1.59
CA VAL A 66 1.77 17.01 1.27
C VAL A 66 2.15 18.13 2.24
N ALA A 67 2.74 17.76 3.38
CA ALA A 67 3.17 18.75 4.37
C ALA A 67 4.48 19.40 3.93
N GLY A 68 5.10 18.85 2.88
CA GLY A 68 6.34 19.40 2.37
C GLY A 68 7.62 18.76 2.87
N VAL A 69 7.51 17.63 3.59
CA VAL A 69 8.70 16.96 4.09
C VAL A 69 9.57 16.43 2.94
N LYS A 70 10.86 16.75 2.98
CA LYS A 70 11.78 16.33 1.94
C LYS A 70 12.96 15.58 2.55
N GLN A 71 13.77 14.97 1.69
CA GLN A 71 14.95 14.24 2.14
C GLN A 71 15.79 15.13 3.06
N ASP A 72 16.25 14.56 4.16
CA ASP A 72 17.06 15.26 5.16
C ASP A 72 16.33 16.23 6.09
N ASP A 73 15.02 16.40 5.90
CA ASP A 73 14.29 17.28 6.80
C ASP A 73 14.19 16.52 8.12
N ILE A 74 13.91 17.26 9.19
CA ILE A 74 13.79 16.64 10.50
C ILE A 74 12.32 16.42 10.88
N VAL A 75 12.01 15.21 11.35
CA VAL A 75 10.65 14.89 11.77
C VAL A 75 10.65 14.32 13.19
N LEU A 76 9.99 15.01 14.11
CA LEU A 76 9.89 14.54 15.49
C LEU A 76 8.93 13.34 15.55
N ALA A 77 9.18 12.40 16.46
CA ALA A 77 8.30 11.24 16.57
C ALA A 77 8.36 10.63 17.95
N SER A 78 7.34 9.82 18.27
CA SER A 78 7.26 9.14 19.55
C SER A 78 8.21 7.94 19.51
N SER A 79 8.91 7.70 20.61
CA SER A 79 9.83 6.58 20.69
C SER A 79 9.03 5.34 21.07
N PHE A 80 8.13 5.53 22.03
CA PHE A 80 7.27 4.47 22.54
C PHE A 80 6.07 4.38 21.60
N THR A 81 6.24 3.62 20.53
CA THR A 81 5.22 3.43 19.51
C THR A 81 5.57 2.19 18.68
N PHE A 82 4.81 2.01 17.60
CA PHE A 82 4.98 0.90 16.66
C PHE A 82 5.74 1.50 15.47
N ILE A 83 6.77 0.80 14.98
CA ILE A 83 7.56 1.32 13.87
C ILE A 83 6.74 1.76 12.66
N ALA A 84 5.56 1.16 12.47
CA ALA A 84 4.68 1.53 11.35
C ALA A 84 4.35 3.03 11.36
N SER A 85 4.36 3.62 12.55
CA SER A 85 4.07 5.04 12.69
C SER A 85 5.23 5.93 12.21
N VAL A 86 6.46 5.42 12.27
CA VAL A 86 7.61 6.23 11.87
C VAL A 86 8.33 5.85 10.57
N ALA A 87 8.06 4.66 10.04
CA ALA A 87 8.68 4.22 8.79
C ALA A 87 8.50 5.24 7.65
N PRO A 88 7.33 5.91 7.58
CA PRO A 88 7.11 6.90 6.51
C PRO A 88 8.21 7.97 6.48
N ILE A 89 8.80 8.24 7.63
CA ILE A 89 9.88 9.23 7.72
C ILE A 89 11.06 8.71 6.89
N CYS A 90 11.32 7.41 6.99
CA CYS A 90 12.40 6.78 6.24
C CYS A 90 12.12 6.77 4.73
N TYR A 91 10.86 6.55 4.35
CA TYR A 91 10.49 6.52 2.93
C TYR A 91 10.92 7.81 2.23
N LEU A 92 10.77 8.94 2.93
CA LEU A 92 11.13 10.22 2.35
C LEU A 92 12.58 10.59 2.63
N LYS A 93 13.29 9.69 3.30
CA LYS A 93 14.70 9.91 3.63
C LYS A 93 14.90 11.12 4.52
N ALA A 94 13.92 11.34 5.40
CA ALA A 94 13.98 12.44 6.35
C ALA A 94 14.64 11.85 7.59
N LYS A 95 14.91 12.68 8.59
CA LYS A 95 15.56 12.21 9.80
C LYS A 95 14.65 12.25 11.01
N PRO A 96 14.47 11.10 11.67
CA PRO A 96 13.61 11.04 12.85
C PRO A 96 14.36 11.44 14.13
N VAL A 97 13.65 12.12 15.02
CA VAL A 97 14.19 12.52 16.31
C VAL A 97 13.15 11.97 17.29
N PHE A 98 13.55 10.99 18.10
CA PHE A 98 12.64 10.34 19.03
C PHE A 98 12.54 10.96 20.43
N ILE A 99 11.33 10.93 20.99
CA ILE A 99 11.09 11.49 22.32
C ILE A 99 10.40 10.52 23.27
N ASP A 100 10.97 10.34 24.45
CA ASP A 100 10.39 9.43 25.44
C ASP A 100 8.98 9.90 25.81
N CYS A 101 8.29 9.10 26.62
CA CYS A 101 6.91 9.39 27.01
C CYS A 101 6.72 9.80 28.47
N ASP A 102 5.47 10.11 28.80
CA ASP A 102 5.08 10.51 30.14
C ASP A 102 4.11 9.46 30.72
N GLU A 103 3.41 9.82 31.79
CA GLU A 103 2.48 8.92 32.45
C GLU A 103 1.27 8.52 31.62
N THR A 104 1.12 9.12 30.44
CA THR A 104 0.00 8.81 29.57
C THR A 104 0.42 7.82 28.48
N TYR A 105 1.72 7.53 28.44
CA TYR A 105 2.32 6.62 27.44
C TYR A 105 2.76 7.41 26.21
N ASN A 106 2.41 8.70 26.18
CA ASN A 106 2.74 9.53 25.03
C ASN A 106 3.88 10.52 25.23
N ILE A 107 4.28 11.16 24.14
CA ILE A 107 5.37 12.13 24.14
C ILE A 107 5.34 13.08 25.34
N ASP A 108 6.46 13.13 26.05
CA ASP A 108 6.58 14.00 27.22
C ASP A 108 6.79 15.46 26.83
N VAL A 109 6.00 16.35 27.44
CA VAL A 109 6.10 17.77 27.16
C VAL A 109 7.51 18.34 27.39
N ASP A 110 8.10 18.03 28.54
CA ASP A 110 9.43 18.53 28.85
C ASP A 110 10.45 18.10 27.80
N LEU A 111 10.53 16.80 27.53
CA LEU A 111 11.47 16.30 26.55
C LEU A 111 11.24 16.90 25.16
N LEU A 112 9.97 17.13 24.82
CA LEU A 112 9.65 17.70 23.51
C LEU A 112 10.23 19.10 23.40
N LYS A 113 9.96 19.93 24.39
CA LYS A 113 10.47 21.29 24.38
C LYS A 113 12.00 21.29 24.33
N LEU A 114 12.62 20.44 25.15
CA LEU A 114 14.07 20.34 25.17
C LEU A 114 14.62 20.01 23.79
N ALA A 115 14.01 19.04 23.12
CA ALA A 115 14.45 18.61 21.79
C ALA A 115 14.34 19.71 20.73
N ILE A 116 13.22 20.42 20.73
CA ILE A 116 13.02 21.49 19.76
C ILE A 116 14.05 22.59 19.97
N LYS A 117 14.39 22.83 21.23
CA LYS A 117 15.36 23.86 21.57
C LYS A 117 16.77 23.48 21.17
N GLU A 118 17.19 22.26 21.53
CA GLU A 118 18.54 21.80 21.22
C GLU A 118 18.75 21.36 19.77
N CYS A 119 17.69 21.36 18.97
CA CYS A 119 17.80 20.97 17.56
C CYS A 119 18.46 22.09 16.76
N GLU A 120 19.60 21.79 16.15
CA GLU A 120 20.32 22.79 15.35
C GLU A 120 19.51 23.11 14.10
N LYS A 121 18.72 22.15 13.65
CA LYS A 121 17.86 22.33 12.49
C LYS A 121 16.43 22.14 12.96
N LYS A 122 15.58 23.13 12.74
CA LYS A 122 14.19 23.08 13.16
C LYS A 122 13.38 22.01 12.43
N PRO A 123 12.72 21.10 13.19
CA PRO A 123 11.91 20.02 12.62
C PRO A 123 10.68 20.51 11.87
N LYS A 124 10.45 19.94 10.69
CA LYS A 124 9.31 20.31 9.86
C LYS A 124 7.98 19.82 10.39
N ALA A 125 7.98 18.67 11.06
CA ALA A 125 6.74 18.13 11.59
C ALA A 125 6.97 17.20 12.76
N LEU A 126 5.88 16.84 13.41
CA LEU A 126 5.90 15.93 14.54
C LEU A 126 4.83 14.88 14.31
N ILE A 127 5.19 13.61 14.44
CA ILE A 127 4.21 12.55 14.30
C ILE A 127 3.96 12.12 15.73
N LEU A 128 2.81 12.51 16.24
CA LEU A 128 2.42 12.20 17.61
C LEU A 128 1.56 10.96 17.70
N THR A 129 2.01 9.97 18.45
CA THR A 129 1.25 8.74 18.61
C THR A 129 0.40 8.81 19.87
N HIS A 130 -0.85 8.36 19.77
CA HIS A 130 -1.74 8.30 20.91
C HIS A 130 -1.72 6.81 21.25
N LEU A 131 -0.69 6.41 21.99
CA LEU A 131 -0.48 5.01 22.34
C LEU A 131 -1.59 4.31 23.09
N TYR A 132 -1.99 3.16 22.56
CA TYR A 132 -3.03 2.34 23.16
C TYR A 132 -4.35 3.09 23.31
N GLY A 133 -4.55 4.11 22.49
CA GLY A 133 -5.77 4.88 22.56
C GLY A 133 -5.73 6.06 23.52
N ASN A 134 -4.70 6.13 24.36
CA ASN A 134 -4.57 7.22 25.32
C ASN A 134 -4.24 8.54 24.67
N ALA A 135 -4.90 9.60 25.13
CA ALA A 135 -4.66 10.93 24.60
C ALA A 135 -3.41 11.53 25.22
N ALA A 136 -2.65 12.27 24.43
CA ALA A 136 -1.45 12.92 24.92
C ALA A 136 -1.90 14.30 25.42
N LYS A 137 -1.00 15.02 26.07
CA LYS A 137 -1.34 16.34 26.59
C LYS A 137 -1.41 17.31 25.41
N MET A 138 -2.57 17.31 24.77
CA MET A 138 -2.83 18.12 23.57
C MET A 138 -2.73 19.64 23.65
N ASP A 139 -3.29 20.25 24.68
CA ASP A 139 -3.21 21.71 24.76
C ASP A 139 -1.76 22.16 24.69
N GLU A 140 -0.90 21.52 25.49
CA GLU A 140 0.50 21.89 25.51
C GLU A 140 1.21 21.56 24.20
N ILE A 141 1.05 20.32 23.72
CA ILE A 141 1.69 19.91 22.48
C ILE A 141 1.23 20.73 21.29
N VAL A 142 -0.06 21.02 21.21
CA VAL A 142 -0.58 21.81 20.10
C VAL A 142 0.05 23.20 20.11
N GLU A 143 0.11 23.82 21.29
CA GLU A 143 0.70 25.14 21.41
C GLU A 143 2.18 25.13 21.04
N ILE A 144 2.90 24.13 21.55
CA ILE A 144 4.34 24.02 21.26
C ILE A 144 4.58 23.94 19.75
N CYS A 145 3.76 23.15 19.07
CA CYS A 145 3.90 22.98 17.62
C CYS A 145 3.55 24.27 16.88
N LYS A 146 2.56 24.99 17.40
CA LYS A 146 2.14 26.24 16.77
C LYS A 146 3.25 27.28 16.91
N GLU A 147 3.72 27.48 18.13
CA GLU A 147 4.76 28.45 18.43
C GLU A 147 6.06 28.18 17.69
N ASN A 148 6.27 26.92 17.31
CA ASN A 148 7.50 26.56 16.61
C ASN A 148 7.33 26.29 15.12
N ASP A 149 6.14 26.57 14.59
CA ASP A 149 5.88 26.36 13.17
C ASP A 149 6.20 24.90 12.80
N ILE A 150 5.65 23.98 13.59
CA ILE A 150 5.84 22.56 13.35
C ILE A 150 4.49 21.96 12.99
N VAL A 151 4.43 21.23 11.88
CA VAL A 151 3.19 20.61 11.46
C VAL A 151 2.86 19.44 12.39
N LEU A 152 1.67 19.45 12.97
CA LEU A 152 1.29 18.35 13.86
C LEU A 152 0.53 17.25 13.11
N ILE A 153 1.06 16.04 13.14
CA ILE A 153 0.43 14.90 12.48
C ILE A 153 0.12 13.90 13.58
N GLU A 154 -1.17 13.68 13.83
CA GLU A 154 -1.58 12.75 14.87
C GLU A 154 -1.67 11.32 14.37
N ASP A 155 -0.90 10.45 15.02
CA ASP A 155 -0.92 9.04 14.70
C ASP A 155 -1.95 8.48 15.67
N ALA A 156 -3.21 8.45 15.23
CA ALA A 156 -4.29 7.94 16.06
C ALA A 156 -4.75 6.57 15.56
N ALA A 157 -3.81 5.81 15.00
CA ALA A 157 -4.10 4.49 14.46
C ALA A 157 -4.91 3.64 15.42
N GLU A 158 -4.59 3.73 16.71
CA GLU A 158 -5.29 2.95 17.72
C GLU A 158 -6.13 3.84 18.63
N ALA A 159 -6.31 5.09 18.23
CA ALA A 159 -7.06 6.04 19.04
C ALA A 159 -8.39 6.50 18.44
N LEU A 160 -8.88 5.81 17.42
CA LEU A 160 -10.16 6.19 16.85
C LEU A 160 -11.17 5.87 17.94
N GLY A 161 -11.94 6.88 18.34
CA GLY A 161 -12.92 6.68 19.40
C GLY A 161 -12.46 7.34 20.69
N SER A 162 -11.22 7.84 20.69
CA SER A 162 -10.66 8.51 21.85
C SER A 162 -10.90 10.01 21.71
N PHE A 163 -11.14 10.67 22.83
CA PHE A 163 -11.39 12.10 22.83
C PHE A 163 -10.60 12.85 23.88
N TYR A 164 -10.36 14.13 23.61
CA TYR A 164 -9.63 15.00 24.51
C TYR A 164 -10.53 16.24 24.64
N LYS A 165 -11.09 16.42 25.82
CA LYS A 165 -11.99 17.55 26.07
C LYS A 165 -13.05 17.65 24.99
N ASN A 166 -13.81 16.56 24.82
CA ASN A 166 -14.89 16.46 23.84
C ASN A 166 -14.48 16.59 22.38
N LYS A 167 -13.19 16.64 22.13
CA LYS A 167 -12.69 16.74 20.76
C LYS A 167 -12.03 15.41 20.42
N ALA A 168 -12.35 14.87 19.25
CA ALA A 168 -11.82 13.58 18.81
C ALA A 168 -10.33 13.63 18.50
N LEU A 169 -9.56 12.68 19.04
CA LEU A 169 -8.14 12.64 18.75
C LEU A 169 -8.04 12.48 17.24
N GLY A 170 -7.09 13.19 16.64
CA GLY A 170 -6.92 13.13 15.20
C GLY A 170 -7.36 14.43 14.56
N THR A 171 -8.18 15.21 15.29
CA THR A 171 -8.68 16.48 14.77
C THR A 171 -7.91 17.69 15.34
N PHE A 172 -6.89 17.42 16.15
CA PHE A 172 -6.08 18.48 16.74
C PHE A 172 -4.97 18.99 15.82
N GLY A 173 -4.37 18.09 15.06
CA GLY A 173 -3.30 18.51 14.18
C GLY A 173 -3.76 18.83 12.78
N GLU A 174 -2.81 19.23 11.93
CA GLU A 174 -3.12 19.53 10.55
C GLU A 174 -3.62 18.25 9.89
N PHE A 175 -3.11 17.12 10.36
CA PHE A 175 -3.52 15.81 9.84
C PHE A 175 -3.71 14.79 10.94
N GLY A 176 -4.61 13.84 10.69
CA GLY A 176 -4.88 12.79 11.66
C GLY A 176 -4.96 11.48 10.88
N VAL A 177 -4.62 10.38 11.54
CA VAL A 177 -4.64 9.07 10.91
C VAL A 177 -5.28 8.01 11.81
N TYR A 178 -6.21 7.26 11.24
CA TYR A 178 -6.87 6.19 11.97
C TYR A 178 -6.61 4.86 11.27
N SER A 179 -6.60 3.78 12.05
CA SER A 179 -6.42 2.44 11.50
C SER A 179 -7.62 1.65 11.97
N TYR A 180 -7.82 0.45 11.45
CA TYR A 180 -9.01 -0.31 11.82
C TYR A 180 -8.88 -1.79 12.12
N ASN A 181 -7.69 -2.37 11.97
CA ASN A 181 -7.58 -3.81 12.19
C ASN A 181 -6.43 -4.38 13.02
N GLY A 182 -6.01 -3.68 14.06
CA GLY A 182 -4.96 -4.19 14.91
C GLY A 182 -3.60 -4.37 14.25
N ASN A 183 -2.65 -4.93 15.00
CA ASN A 183 -1.29 -5.09 14.49
C ASN A 183 -0.79 -6.51 14.20
N LYS A 184 -1.68 -7.48 14.03
CA LYS A 184 -1.23 -8.84 13.72
C LYS A 184 -0.52 -8.81 12.37
N ILE A 185 0.37 -9.76 12.14
CA ILE A 185 1.12 -9.82 10.89
C ILE A 185 0.19 -9.96 9.68
N ILE A 186 -0.95 -10.61 9.88
CA ILE A 186 -1.95 -10.79 8.84
C ILE A 186 -3.33 -10.58 9.47
N THR A 187 -4.17 -9.76 8.83
CA THR A 187 -5.49 -9.50 9.37
C THR A 187 -6.61 -9.79 8.39
N THR A 188 -7.84 -9.85 8.92
CA THR A 188 -9.01 -10.11 8.10
C THR A 188 -9.22 -8.99 7.09
N SER A 189 -9.28 -7.77 7.59
CA SER A 189 -9.46 -6.59 6.75
C SER A 189 -8.23 -5.71 6.86
N GLY A 190 -8.27 -4.53 6.23
CA GLY A 190 -7.15 -3.62 6.28
C GLY A 190 -7.64 -2.24 5.92
N GLY A 191 -6.77 -1.23 6.04
CA GLY A 191 -7.19 0.10 5.69
C GLY A 191 -6.83 1.15 6.71
N GLY A 192 -6.74 2.38 6.21
CA GLY A 192 -6.44 3.51 7.07
C GLY A 192 -7.19 4.72 6.55
N MET A 193 -7.38 5.71 7.41
CA MET A 193 -8.08 6.91 7.01
C MET A 193 -7.24 8.13 7.34
N LEU A 194 -7.01 8.96 6.34
CA LEU A 194 -6.26 10.20 6.55
C LEU A 194 -7.28 11.34 6.64
N ILE A 195 -7.24 12.11 7.71
CA ILE A 195 -8.13 13.26 7.86
C ILE A 195 -7.25 14.51 8.02
N GLY A 196 -7.84 15.69 7.79
CA GLY A 196 -7.06 16.91 7.90
C GLY A 196 -7.89 18.19 7.86
N LYS A 197 -7.25 19.30 8.20
CA LYS A 197 -7.89 20.62 8.24
C LYS A 197 -7.95 21.29 6.87
N ASN A 198 -6.89 21.12 6.09
CA ASN A 198 -6.83 21.74 4.77
C ASN A 198 -7.36 20.85 3.66
N LYS A 199 -8.47 21.26 3.07
CA LYS A 199 -9.11 20.54 2.00
C LYS A 199 -8.17 20.34 0.82
N GLU A 200 -7.44 21.38 0.46
CA GLU A 200 -6.52 21.31 -0.67
C GLU A 200 -5.45 20.25 -0.45
N LYS A 201 -4.87 20.22 0.75
CA LYS A 201 -3.84 19.24 1.06
C LYS A 201 -4.39 17.81 1.06
N ILE A 202 -5.58 17.61 1.63
CA ILE A 202 -6.20 16.29 1.66
C ILE A 202 -6.52 15.83 0.24
N GLU A 203 -6.97 16.76 -0.59
CA GLU A 203 -7.28 16.44 -1.97
C GLU A 203 -6.00 16.20 -2.78
N LYS A 204 -4.89 16.79 -2.32
CA LYS A 204 -3.63 16.58 -3.01
C LYS A 204 -3.22 15.13 -2.70
N ALA A 205 -3.47 14.70 -1.47
CA ALA A 205 -3.15 13.34 -1.07
C ALA A 205 -4.04 12.38 -1.85
N ARG A 206 -5.32 12.72 -2.01
CA ARG A 206 -6.23 11.86 -2.77
C ARG A 206 -5.65 11.68 -4.17
N PHE A 207 -5.18 12.79 -4.73
CA PHE A 207 -4.55 12.81 -6.05
C PHE A 207 -3.35 11.85 -6.09
N TYR A 208 -2.51 11.91 -5.06
CA TYR A 208 -1.33 11.05 -4.96
C TYR A 208 -1.68 9.56 -4.77
N SER A 209 -2.74 9.30 -4.00
CA SER A 209 -3.15 7.93 -3.70
C SER A 209 -3.59 7.10 -4.89
N THR A 210 -3.75 7.74 -6.04
CA THR A 210 -4.17 7.04 -7.26
C THR A 210 -3.25 7.33 -8.45
N GLN A 211 -1.94 7.28 -8.20
CA GLN A 211 -0.91 7.48 -9.22
C GLN A 211 -0.77 8.87 -9.84
N ALA A 212 -1.23 9.89 -9.13
CA ALA A 212 -1.12 11.26 -9.60
C ALA A 212 -1.52 11.47 -11.07
N ARG A 213 -2.79 11.23 -11.37
CA ARG A 213 -3.29 11.39 -12.73
C ARG A 213 -3.89 12.76 -12.97
N GLU A 214 -3.53 13.39 -14.07
CA GLU A 214 -4.11 14.69 -14.40
C GLU A 214 -5.51 14.38 -14.94
N ASN A 215 -6.38 15.38 -14.95
CA ASN A 215 -7.73 15.19 -15.46
C ASN A 215 -7.70 15.28 -16.98
N CYS A 216 -7.42 14.16 -17.64
CA CYS A 216 -7.35 14.13 -19.09
C CYS A 216 -8.03 12.86 -19.61
N LEU A 217 -8.27 12.80 -20.93
CA LEU A 217 -8.90 11.64 -21.53
C LEU A 217 -7.96 10.44 -21.44
N HIS A 218 -6.66 10.72 -21.53
CA HIS A 218 -5.63 9.69 -21.45
C HIS A 218 -4.85 9.89 -20.15
N TYR A 219 -3.80 9.10 -19.95
CA TYR A 219 -2.97 9.20 -18.75
C TYR A 219 -1.86 10.23 -18.93
N GLU A 220 -1.95 11.31 -18.15
CA GLU A 220 -0.97 12.39 -18.20
C GLU A 220 -0.47 12.58 -16.77
N HIS A 221 0.85 12.69 -16.60
CA HIS A 221 1.41 12.83 -15.26
C HIS A 221 2.45 13.95 -15.14
N LEU A 222 2.19 14.86 -14.19
CA LEU A 222 3.09 15.99 -13.91
C LEU A 222 3.92 15.63 -12.69
N ASP A 223 3.49 14.61 -11.97
CA ASP A 223 4.18 14.13 -10.77
C ASP A 223 3.97 12.62 -10.72
N TYR A 224 4.53 11.96 -9.71
CA TYR A 224 4.35 10.52 -9.56
C TYR A 224 3.59 10.30 -8.25
N GLY A 225 2.80 9.24 -8.23
CA GLY A 225 2.02 8.94 -7.04
C GLY A 225 2.19 7.52 -6.55
N TYR A 226 1.11 6.97 -6.00
CA TYR A 226 1.12 5.63 -5.44
C TYR A 226 -0.19 4.89 -5.72
N ASN A 227 -0.28 3.68 -5.19
CA ASN A 227 -1.50 2.89 -5.31
C ASN A 227 -1.86 2.67 -3.85
N TYR A 228 -2.50 3.67 -3.26
CA TYR A 228 -2.88 3.64 -1.85
C TYR A 228 -4.38 3.71 -1.63
N ARG A 229 -5.15 3.96 -2.69
CA ARG A 229 -6.60 4.08 -2.55
C ARG A 229 -7.26 2.81 -2.07
N LEU A 230 -8.08 2.93 -1.03
CA LEU A 230 -8.78 1.76 -0.48
C LEU A 230 -9.75 1.18 -1.51
N SER A 231 -10.01 -0.12 -1.42
CA SER A 231 -10.94 -0.77 -2.34
C SER A 231 -12.36 -0.67 -1.79
N ASN A 232 -13.34 -0.90 -2.66
CA ASN A 232 -14.74 -0.82 -2.24
C ASN A 232 -15.10 -1.91 -1.24
N VAL A 233 -14.54 -3.11 -1.41
CA VAL A 233 -14.84 -4.20 -0.48
C VAL A 233 -14.36 -3.86 0.93
N LEU A 234 -13.17 -3.29 1.05
CA LEU A 234 -12.67 -2.94 2.37
C LEU A 234 -13.37 -1.68 2.90
N GLY A 235 -13.88 -0.86 1.98
CA GLY A 235 -14.58 0.34 2.39
C GLY A 235 -15.89 -0.08 3.02
N ALA A 236 -16.46 -1.17 2.52
CA ALA A 236 -17.72 -1.70 3.04
C ALA A 236 -17.51 -2.16 4.48
N ILE A 237 -16.43 -2.89 4.70
CA ILE A 237 -16.14 -3.35 6.05
C ILE A 237 -15.93 -2.14 6.97
N GLY A 238 -15.29 -1.10 6.45
CA GLY A 238 -15.04 0.11 7.24
C GLY A 238 -16.33 0.75 7.73
N VAL A 239 -17.33 0.82 6.86
CA VAL A 239 -18.62 1.39 7.22
C VAL A 239 -19.24 0.53 8.32
N ALA A 240 -19.18 -0.79 8.13
CA ALA A 240 -19.71 -1.74 9.10
C ALA A 240 -19.05 -1.56 10.46
N GLN A 241 -17.74 -1.32 10.45
CA GLN A 241 -17.00 -1.13 11.69
C GLN A 241 -17.34 0.22 12.35
N MET A 242 -17.48 1.26 11.55
CA MET A 242 -17.81 2.57 12.10
C MET A 242 -19.21 2.56 12.76
N GLU A 243 -20.11 1.74 12.23
CA GLU A 243 -21.46 1.64 12.79
C GLU A 243 -21.49 1.15 14.23
N VAL A 244 -20.47 0.39 14.64
CA VAL A 244 -20.42 -0.14 16.01
C VAL A 244 -19.24 0.38 16.82
N LEU A 245 -18.54 1.37 16.28
CA LEU A 245 -17.37 1.94 16.95
C LEU A 245 -17.65 2.36 18.40
N GLU A 246 -18.62 3.23 18.57
CA GLU A 246 -18.98 3.74 19.89
C GLU A 246 -19.33 2.62 20.86
N GLN A 247 -20.17 1.69 20.43
CA GLN A 247 -20.54 0.57 21.27
C GLN A 247 -19.30 -0.22 21.65
N ARG A 248 -18.38 -0.37 20.71
CA ARG A 248 -17.15 -1.10 20.97
C ARG A 248 -16.25 -0.38 21.96
N VAL A 249 -16.15 0.93 21.82
CA VAL A 249 -15.32 1.71 22.73
C VAL A 249 -15.83 1.59 24.17
N LEU A 250 -17.15 1.60 24.33
CA LEU A 250 -17.75 1.49 25.65
C LEU A 250 -17.42 0.11 26.22
N LYS A 251 -17.43 -0.90 25.36
CA LYS A 251 -17.14 -2.26 25.79
C LYS A 251 -15.66 -2.40 26.17
N LYS A 252 -14.79 -1.71 25.43
CA LYS A 252 -13.35 -1.74 25.70
C LYS A 252 -13.09 -1.17 27.09
N ARG A 253 -13.75 -0.06 27.40
CA ARG A 253 -13.59 0.57 28.71
C ARG A 253 -14.19 -0.29 29.82
N GLU A 254 -15.24 -1.04 29.50
CA GLU A 254 -15.85 -1.93 30.48
C GLU A 254 -14.83 -3.00 30.80
N ILE A 255 -14.21 -3.53 29.76
CA ILE A 255 -13.20 -4.56 29.91
C ILE A 255 -12.02 -4.02 30.71
N TYR A 256 -11.64 -2.78 30.42
CA TYR A 256 -10.53 -2.14 31.12
C TYR A 256 -10.86 -2.01 32.60
N GLU A 257 -12.09 -1.56 32.89
CA GLU A 257 -12.52 -1.39 34.27
C GLU A 257 -12.62 -2.70 35.02
N TRP A 258 -12.96 -3.78 34.32
CA TRP A 258 -13.04 -5.08 34.99
C TRP A 258 -11.63 -5.54 35.36
N TYR A 259 -10.67 -5.38 34.46
CA TYR A 259 -9.28 -5.76 34.74
C TYR A 259 -8.81 -5.01 35.97
N LYS A 260 -9.08 -3.70 35.96
CA LYS A 260 -8.71 -2.82 37.07
C LYS A 260 -9.34 -3.30 38.37
N GLU A 261 -10.58 -3.78 38.28
CA GLU A 261 -11.29 -4.27 39.44
C GLU A 261 -10.66 -5.53 40.00
N PHE A 262 -10.29 -6.45 39.11
CA PHE A 262 -9.71 -7.72 39.53
C PHE A 262 -8.20 -7.74 39.73
N LEU A 263 -7.49 -6.74 39.22
CA LEU A 263 -6.04 -6.73 39.34
C LEU A 263 -5.45 -5.47 39.96
N GLY A 264 -6.29 -4.45 40.16
CA GLY A 264 -5.83 -3.20 40.73
C GLY A 264 -4.99 -3.27 41.99
N GLU A 265 -5.06 -4.38 42.70
CA GLU A 265 -4.30 -4.54 43.93
C GLU A 265 -2.81 -4.72 43.68
N TYR A 266 -2.47 -5.46 42.63
CA TYR A 266 -1.07 -5.70 42.31
C TYR A 266 -0.55 -5.01 41.05
N PHE A 267 -1.47 -4.56 40.19
CA PHE A 267 -1.07 -3.88 38.96
C PHE A 267 -1.51 -2.43 38.95
N SER A 268 -0.71 -1.59 38.31
CA SER A 268 -1.02 -0.17 38.22
C SER A 268 -1.66 0.14 36.88
N PHE A 269 -2.86 0.72 36.93
CA PHE A 269 -3.59 1.10 35.73
C PHE A 269 -3.61 2.62 35.63
N LEU A 270 -2.64 3.18 34.92
CA LEU A 270 -2.51 4.61 34.76
C LEU A 270 -3.75 5.29 34.19
N ASP A 271 -4.26 6.28 34.94
CA ASP A 271 -5.44 7.02 34.56
C ASP A 271 -5.27 7.81 33.26
N GLU A 272 -6.38 8.05 32.59
CA GLU A 272 -6.40 8.81 31.36
C GLU A 272 -6.35 10.27 31.79
N LEU A 273 -6.10 11.18 30.86
CA LEU A 273 -6.07 12.59 31.21
C LEU A 273 -7.46 13.01 31.67
N GLU A 274 -7.54 13.89 32.65
CA GLU A 274 -8.84 14.34 33.10
C GLU A 274 -9.46 15.06 31.92
N ASN A 275 -10.77 14.89 31.73
CA ASN A 275 -11.45 15.53 30.62
C ASN A 275 -10.94 14.98 29.29
N SER A 276 -10.67 13.68 29.27
CA SER A 276 -10.23 12.98 28.07
C SER A 276 -10.89 11.62 28.17
N ARG A 277 -11.11 10.97 27.03
CA ARG A 277 -11.73 9.67 27.04
C ARG A 277 -10.95 8.70 26.17
N SER A 278 -10.12 7.89 26.80
CA SER A 278 -9.32 6.90 26.10
C SER A 278 -10.23 5.78 25.63
N ASN A 279 -10.06 5.34 24.39
CA ASN A 279 -10.88 4.26 23.86
C ASN A 279 -10.42 2.91 24.40
N ARG A 280 -9.34 2.94 25.18
CA ARG A 280 -8.78 1.72 25.77
C ARG A 280 -8.80 0.55 24.80
N TRP A 281 -8.46 0.82 23.54
CA TRP A 281 -8.50 -0.24 22.52
C TRP A 281 -7.75 -1.50 22.93
N LEU A 282 -6.81 -1.36 23.84
CA LEU A 282 -6.09 -2.50 24.39
C LEU A 282 -5.84 -2.17 25.85
N SER A 283 -6.21 -3.10 26.74
CA SER A 283 -6.00 -2.87 28.16
C SER A 283 -4.54 -3.17 28.51
N THR A 284 -3.93 -2.28 29.29
CA THR A 284 -2.54 -2.42 29.69
C THR A 284 -2.41 -2.15 31.19
N ALA A 285 -1.40 -2.73 31.81
CA ALA A 285 -1.15 -2.55 33.23
C ALA A 285 0.33 -2.74 33.57
N LEU A 286 0.76 -2.14 34.69
CA LEU A 286 2.15 -2.22 35.14
C LEU A 286 2.24 -2.92 36.48
N ILE A 287 3.16 -3.88 36.60
CA ILE A 287 3.33 -4.61 37.84
C ILE A 287 4.44 -3.98 38.69
N ASN A 288 4.29 -4.07 40.02
CA ASN A 288 5.26 -3.51 40.96
C ASN A 288 5.69 -2.11 40.57
N PHE A 289 4.72 -1.27 40.21
CA PHE A 289 5.03 0.09 39.79
C PHE A 289 4.60 1.19 40.76
N ASP A 290 5.38 2.27 40.78
CA ASP A 290 5.08 3.41 41.62
C ASP A 290 5.45 4.64 40.80
N LYS A 291 4.55 5.61 40.78
CA LYS A 291 4.76 6.84 40.02
C LYS A 291 6.10 7.49 40.30
N ASN A 292 6.68 7.20 41.47
CA ASN A 292 7.97 7.80 41.83
C ASN A 292 9.13 7.23 41.02
N GLU A 293 8.83 6.25 40.17
CA GLU A 293 9.84 5.63 39.32
C GLU A 293 9.96 6.38 38.00
N LEU A 294 8.98 7.21 37.70
CA LEU A 294 8.98 7.96 36.45
C LEU A 294 10.06 9.02 36.40
N ASN A 295 10.46 9.37 35.20
CA ASN A 295 11.48 10.38 34.95
C ASN A 295 12.80 10.14 35.67
N ALA A 296 13.25 8.89 35.62
CA ALA A 296 14.50 8.51 36.26
C ALA A 296 15.66 9.35 35.70
N CYS A 297 15.58 9.72 34.43
CA CYS A 297 16.65 10.52 33.84
C CYS A 297 16.12 11.55 32.85
N GLN A 298 17.04 12.25 32.20
CA GLN A 298 16.72 13.27 31.21
C GLN A 298 17.97 13.50 30.39
N LYS A 299 18.22 12.60 29.44
CA LYS A 299 19.39 12.70 28.59
C LYS A 299 19.10 12.49 27.11
N ASP A 300 19.93 13.10 26.27
CA ASP A 300 19.79 12.94 24.84
C ASP A 300 20.87 11.94 24.43
N ILE A 301 20.59 11.14 23.40
CA ILE A 301 21.57 10.15 22.96
C ILE A 301 21.48 9.94 21.46
N ASN A 302 22.42 9.17 20.95
CA ASN A 302 22.46 8.79 19.54
C ASN A 302 22.15 7.32 19.71
N ILE A 303 21.05 6.88 19.13
CA ILE A 303 20.59 5.50 19.25
C ILE A 303 21.57 4.39 18.87
N SER A 304 21.56 3.34 19.69
CA SER A 304 22.34 2.13 19.48
C SER A 304 21.39 1.05 20.01
N GLN A 305 21.40 -0.13 19.40
CA GLN A 305 20.49 -1.18 19.83
C GLN A 305 20.74 -1.63 21.27
N LYS A 306 19.65 -1.96 21.95
CA LYS A 306 19.70 -2.39 23.34
C LYS A 306 18.51 -3.29 23.62
N ASN A 307 18.75 -4.37 24.38
CA ASN A 307 17.66 -5.26 24.75
C ASN A 307 17.12 -4.70 26.05
N ILE A 308 15.92 -5.11 26.42
CA ILE A 308 15.33 -4.66 27.67
C ILE A 308 14.80 -5.90 28.36
N THR A 309 15.26 -6.12 29.59
CA THR A 309 14.86 -7.28 30.37
C THR A 309 13.49 -7.10 31.01
N LEU A 310 12.62 -8.05 30.75
CA LEU A 310 11.27 -8.04 31.28
C LEU A 310 11.33 -8.34 32.77
N HIS A 311 10.44 -7.71 33.53
CA HIS A 311 10.38 -7.97 34.96
C HIS A 311 10.02 -9.45 35.05
N PRO A 312 10.70 -10.20 35.93
CA PRO A 312 10.48 -11.64 36.14
C PRO A 312 9.02 -12.07 36.20
N LYS A 313 8.18 -11.26 36.83
CA LYS A 313 6.77 -11.62 36.95
C LYS A 313 6.03 -11.46 35.63
N ILE A 314 6.52 -10.57 34.78
CA ILE A 314 5.89 -10.34 33.49
C ILE A 314 6.21 -11.48 32.51
N SER A 315 7.48 -11.86 32.42
CA SER A 315 7.86 -12.94 31.53
C SER A 315 7.18 -14.24 31.97
N LYS A 316 7.12 -14.44 33.27
CA LYS A 316 6.47 -15.64 33.82
C LYS A 316 4.98 -15.56 33.51
N LEU A 317 4.39 -14.38 33.70
CA LEU A 317 2.98 -14.16 33.44
C LEU A 317 2.63 -14.53 32.00
N ILE A 318 3.44 -14.03 31.07
CA ILE A 318 3.22 -14.30 29.65
C ILE A 318 3.32 -15.80 29.36
N GLU A 319 4.27 -16.46 30.02
CA GLU A 319 4.48 -17.89 29.82
C GLU A 319 3.33 -18.72 30.40
N ASP A 320 2.95 -18.46 31.63
CA ASP A 320 1.86 -19.20 32.26
C ASP A 320 0.55 -19.04 31.51
N LEU A 321 0.13 -17.80 31.28
CA LEU A 321 -1.11 -17.57 30.55
C LEU A 321 -1.08 -18.25 29.19
N LYS A 322 0.13 -18.39 28.64
CA LYS A 322 0.29 -19.03 27.34
C LYS A 322 -0.04 -20.51 27.43
N ASN A 323 0.29 -21.12 28.56
CA ASN A 323 0.01 -22.55 28.76
C ASN A 323 -1.46 -22.73 29.08
N LYS A 324 -2.16 -21.61 29.26
CA LYS A 324 -3.58 -21.62 29.56
C LYS A 324 -4.31 -21.14 28.30
N GLN A 325 -3.57 -21.02 27.21
CA GLN A 325 -4.12 -20.58 25.94
C GLN A 325 -4.64 -19.14 25.92
N ILE A 326 -4.13 -18.31 26.83
CA ILE A 326 -4.52 -16.90 26.86
C ILE A 326 -3.32 -16.13 26.33
N GLU A 327 -3.55 -15.25 25.36
CA GLU A 327 -2.45 -14.49 24.78
C GLU A 327 -2.27 -13.11 25.40
N THR A 328 -1.10 -12.90 26.00
CA THR A 328 -0.74 -11.61 26.59
C THR A 328 0.59 -11.24 25.95
N ARG A 329 0.89 -9.95 25.88
CA ARG A 329 2.15 -9.53 25.26
C ARG A 329 2.83 -8.36 25.94
N PRO A 330 4.13 -8.19 25.69
CA PRO A 330 4.81 -7.07 26.33
C PRO A 330 4.38 -5.80 25.58
N LEU A 331 4.63 -4.64 26.17
CA LEU A 331 4.26 -3.39 25.52
C LEU A 331 5.27 -3.12 24.41
N TRP A 332 5.03 -2.08 23.62
CA TRP A 332 5.93 -1.73 22.53
C TRP A 332 7.37 -1.52 23.01
N LYS A 333 8.33 -1.89 22.18
CA LYS A 333 9.74 -1.69 22.51
C LYS A 333 10.17 -0.39 21.85
N ALA A 334 10.45 0.61 22.67
CA ALA A 334 10.84 1.95 22.20
C ALA A 334 11.81 1.96 21.01
N MET A 335 11.55 2.89 20.09
CA MET A 335 12.36 3.04 18.89
C MET A 335 13.80 3.41 19.21
N HIS A 336 14.01 4.15 20.30
CA HIS A 336 15.37 4.57 20.64
C HIS A 336 16.27 3.41 21.08
N THR A 337 15.73 2.20 21.09
CA THR A 337 16.51 1.01 21.45
C THR A 337 16.60 0.04 20.27
N GLN A 338 16.10 0.46 19.10
CA GLN A 338 16.08 -0.40 17.91
C GLN A 338 17.29 -0.19 16.97
N GLU A 339 17.86 -1.29 16.49
CA GLU A 339 19.02 -1.20 15.59
C GLU A 339 18.74 -0.41 14.32
N VAL A 340 17.51 -0.52 13.80
CA VAL A 340 17.14 0.17 12.58
C VAL A 340 17.38 1.68 12.68
N PHE A 341 17.21 2.25 13.88
CA PHE A 341 17.39 3.69 14.05
C PHE A 341 18.74 4.06 14.64
N LYS A 342 19.69 3.15 14.51
CA LYS A 342 21.04 3.38 15.00
C LYS A 342 21.54 4.72 14.49
N GLY A 343 21.98 5.57 15.41
CA GLY A 343 22.50 6.87 15.03
C GLY A 343 21.55 8.04 15.08
N ALA A 344 20.24 7.80 15.12
CA ALA A 344 19.28 8.89 15.15
C ALA A 344 19.23 9.50 16.56
N LYS A 345 18.84 10.76 16.65
CA LYS A 345 18.76 11.46 17.93
C LYS A 345 17.51 11.04 18.73
N ALA A 346 17.66 10.91 20.04
CA ALA A 346 16.56 10.53 20.91
C ALA A 346 16.69 11.19 22.29
N TYR A 347 15.56 11.54 22.90
CA TYR A 347 15.57 12.15 24.24
C TYR A 347 14.87 11.19 25.17
N LEU A 348 15.55 10.80 26.24
CA LEU A 348 14.97 9.85 27.19
C LEU A 348 14.77 10.38 28.60
N ASN A 349 13.81 9.80 29.29
CA ASN A 349 13.53 10.14 30.67
C ASN A 349 13.45 8.80 31.39
N GLY A 350 13.62 7.73 30.61
CA GLY A 350 13.58 6.37 31.13
C GLY A 350 12.21 5.73 31.25
N ASN A 351 11.16 6.50 30.96
CA ASN A 351 9.81 5.98 31.11
C ASN A 351 9.37 4.83 30.20
N SER A 352 9.60 4.94 28.89
CA SER A 352 9.16 3.87 28.00
C SER A 352 9.89 2.55 28.22
N GLU A 353 11.15 2.60 28.65
CA GLU A 353 11.88 1.37 28.92
C GLU A 353 11.37 0.72 30.20
N LEU A 354 10.94 1.55 31.14
CA LEU A 354 10.41 1.03 32.41
C LEU A 354 9.06 0.39 32.13
N PHE A 355 8.28 1.00 31.25
CA PHE A 355 6.98 0.48 30.91
C PHE A 355 7.09 -0.87 30.22
N PHE A 356 8.09 -1.01 29.36
CA PHE A 356 8.30 -2.28 28.67
C PHE A 356 8.65 -3.31 29.71
N GLN A 357 9.52 -2.89 30.63
CA GLN A 357 10.01 -3.74 31.70
C GLN A 357 8.90 -4.29 32.60
N LYS A 358 7.99 -3.42 33.05
CA LYS A 358 6.93 -3.85 33.95
C LYS A 358 5.53 -3.94 33.34
N GLY A 359 5.40 -3.64 32.06
CA GLY A 359 4.11 -3.67 31.41
C GLY A 359 3.63 -4.97 30.80
N ILE A 360 2.31 -5.10 30.69
CA ILE A 360 1.68 -6.28 30.10
C ILE A 360 0.47 -5.81 29.30
N CYS A 361 0.31 -6.36 28.09
CA CYS A 361 -0.81 -6.02 27.22
C CYS A 361 -1.80 -7.17 27.35
N LEU A 362 -3.03 -6.85 27.77
CA LEU A 362 -4.07 -7.85 28.00
C LEU A 362 -5.09 -8.03 26.89
N PRO A 363 -5.68 -9.24 26.78
CA PRO A 363 -6.69 -9.57 25.77
C PRO A 363 -7.81 -8.54 25.92
N SER A 364 -8.22 -7.93 24.82
CA SER A 364 -9.26 -6.90 24.90
C SER A 364 -10.34 -7.00 23.84
N GLY A 365 -10.62 -8.21 23.36
CA GLY A 365 -11.65 -8.39 22.36
C GLY A 365 -13.01 -8.04 22.97
N THR A 366 -13.82 -7.27 22.25
CA THR A 366 -15.12 -6.87 22.77
C THR A 366 -16.12 -8.02 22.85
N ALA A 367 -15.74 -9.17 22.30
CA ALA A 367 -16.63 -10.32 22.34
C ALA A 367 -16.52 -10.99 23.71
N MET A 368 -15.49 -10.60 24.47
CA MET A 368 -15.27 -11.14 25.80
C MET A 368 -16.38 -10.74 26.76
N SER A 369 -16.71 -11.63 27.68
CA SER A 369 -17.73 -11.36 28.68
C SER A 369 -16.97 -11.05 29.96
N LYS A 370 -17.68 -10.56 30.97
CA LYS A 370 -17.03 -10.23 32.24
C LYS A 370 -16.37 -11.49 32.81
N ASP A 371 -16.97 -12.65 32.55
CA ASP A 371 -16.42 -13.90 33.05
C ASP A 371 -15.07 -14.17 32.41
N ASP A 372 -14.97 -13.95 31.10
CA ASP A 372 -13.72 -14.17 30.40
C ASP A 372 -12.63 -13.33 31.04
N VAL A 373 -12.93 -12.05 31.26
CA VAL A 373 -11.97 -11.13 31.86
C VAL A 373 -11.64 -11.56 33.28
N TYR A 374 -12.60 -12.20 33.94
CA TYR A 374 -12.39 -12.64 35.31
C TYR A 374 -11.50 -13.88 35.41
N GLU A 375 -11.72 -14.84 34.51
CA GLU A 375 -10.92 -16.07 34.52
C GLU A 375 -9.47 -15.75 34.20
N ILE A 376 -9.27 -14.77 33.31
CA ILE A 376 -7.94 -14.34 32.92
C ILE A 376 -7.26 -13.67 34.11
N SER A 377 -7.98 -12.79 34.77
CA SER A 377 -7.46 -12.08 35.94
C SER A 377 -7.07 -13.02 37.07
N LYS A 378 -7.82 -14.12 37.21
CA LYS A 378 -7.52 -15.08 38.27
C LYS A 378 -6.22 -15.81 37.96
N LEU A 379 -6.03 -16.17 36.68
CA LEU A 379 -4.82 -16.87 36.25
C LEU A 379 -3.59 -15.97 36.42
N ILE A 380 -3.77 -14.68 36.19
CA ILE A 380 -2.67 -13.73 36.32
C ILE A 380 -2.27 -13.57 37.78
N LEU A 381 -3.25 -13.49 38.67
CA LEU A 381 -2.99 -13.35 40.10
C LEU A 381 -2.26 -14.58 40.60
N LYS A 382 -2.66 -15.74 40.08
CA LYS A 382 -2.05 -17.01 40.48
C LYS A 382 -0.60 -17.09 40.04
N SER A 383 -0.27 -16.44 38.94
CA SER A 383 1.08 -16.46 38.41
C SER A 383 2.07 -15.54 39.14
N ILE A 384 1.61 -14.35 39.50
CA ILE A 384 2.47 -13.38 40.17
C ILE A 384 2.71 -13.64 41.66
N LYS A 385 2.04 -14.66 42.21
CA LYS A 385 2.20 -14.98 43.61
C LYS A 385 2.36 -16.49 43.81
N GLY B 12 -17.89 -18.35 -9.36
CA GLY B 12 -17.63 -17.21 -8.43
C GLY B 12 -17.81 -17.58 -6.97
N ASN B 13 -16.71 -17.89 -6.31
CA ASN B 13 -16.72 -18.27 -4.90
C ASN B 13 -16.41 -17.11 -3.95
N GLU B 14 -16.27 -15.90 -4.49
CA GLU B 14 -15.93 -14.74 -3.66
C GLU B 14 -16.69 -14.69 -2.35
N LEU B 15 -18.01 -14.52 -2.44
CA LEU B 15 -18.84 -14.43 -1.25
C LEU B 15 -18.70 -15.65 -0.34
N LYS B 16 -18.64 -16.83 -0.94
CA LYS B 16 -18.50 -18.05 -0.18
C LYS B 16 -17.22 -17.98 0.65
N TYR B 17 -16.10 -17.70 -0.03
CA TYR B 17 -14.82 -17.60 0.65
C TYR B 17 -14.79 -16.47 1.69
N ILE B 18 -15.36 -15.32 1.34
CA ILE B 18 -15.39 -14.18 2.26
C ILE B 18 -16.22 -14.56 3.48
N GLU B 19 -17.31 -15.28 3.26
CA GLU B 19 -18.16 -15.71 4.36
C GLU B 19 -17.36 -16.62 5.28
N GLU B 20 -16.52 -17.48 4.70
CA GLU B 20 -15.69 -18.38 5.48
C GLU B 20 -14.67 -17.58 6.27
N VAL B 21 -14.15 -16.52 5.65
CA VAL B 21 -13.18 -15.67 6.30
C VAL B 21 -13.76 -15.09 7.58
N PHE B 22 -15.00 -14.63 7.50
CA PHE B 22 -15.67 -14.04 8.65
C PHE B 22 -15.98 -15.06 9.74
N LYS B 23 -16.49 -16.23 9.35
CA LYS B 23 -16.79 -17.27 10.31
C LYS B 23 -15.46 -17.77 10.88
N SER B 24 -14.37 -17.24 10.33
CA SER B 24 -13.01 -17.58 10.74
C SER B 24 -12.70 -19.04 10.46
N GLY B 31 -4.76 -15.79 7.99
CA GLY B 31 -4.30 -15.57 6.64
C GLY B 31 -4.45 -16.79 5.76
N GLU B 32 -5.35 -17.70 6.17
CA GLU B 32 -5.59 -18.91 5.41
C GLU B 32 -5.70 -18.65 3.91
N PHE B 33 -6.59 -17.74 3.52
CA PHE B 33 -6.78 -17.44 2.12
C PHE B 33 -5.65 -16.68 1.44
N VAL B 34 -4.86 -15.93 2.22
CA VAL B 34 -3.72 -15.24 1.62
C VAL B 34 -2.70 -16.31 1.21
N ASN B 35 -2.56 -17.35 2.04
CA ASN B 35 -1.65 -18.45 1.74
C ASN B 35 -2.18 -19.23 0.55
N ARG B 36 -3.49 -19.48 0.52
CA ARG B 36 -4.09 -20.21 -0.58
C ARG B 36 -3.94 -19.45 -1.89
N PHE B 37 -4.09 -18.13 -1.83
CA PHE B 37 -3.97 -17.28 -2.99
C PHE B 37 -2.56 -17.44 -3.58
N GLU B 38 -1.55 -17.39 -2.73
CA GLU B 38 -0.16 -17.55 -3.18
C GLU B 38 0.03 -18.94 -3.79
N GLN B 39 -0.53 -19.95 -3.14
CA GLN B 39 -0.41 -21.32 -3.64
C GLN B 39 -1.04 -21.45 -5.03
N SER B 40 -2.21 -20.84 -5.21
CA SER B 40 -2.89 -20.93 -6.50
C SER B 40 -2.07 -20.29 -7.63
N VAL B 41 -1.32 -19.24 -7.31
CA VAL B 41 -0.49 -18.59 -8.31
C VAL B 41 0.71 -19.48 -8.63
N LYS B 42 1.24 -20.14 -7.60
CA LYS B 42 2.37 -21.04 -7.81
C LYS B 42 1.91 -22.21 -8.66
N ASP B 43 0.73 -22.76 -8.37
CA ASP B 43 0.20 -23.88 -9.12
C ASP B 43 -0.05 -23.47 -10.57
N TYR B 44 -0.55 -22.25 -10.76
CA TYR B 44 -0.82 -21.78 -12.11
C TYR B 44 0.43 -21.42 -12.91
N SER B 45 1.31 -20.62 -12.32
CA SER B 45 2.52 -20.16 -13.00
C SER B 45 3.74 -21.06 -12.89
N LYS B 46 3.72 -21.96 -11.92
CA LYS B 46 4.82 -22.89 -11.68
C LYS B 46 6.00 -22.24 -10.95
N SER B 47 5.85 -20.99 -10.53
CA SER B 47 6.91 -20.32 -9.78
C SER B 47 7.02 -21.02 -8.43
N GLU B 48 8.21 -21.04 -7.84
CA GLU B 48 8.39 -21.68 -6.53
C GLU B 48 8.11 -20.75 -5.36
N ASN B 49 8.00 -19.44 -5.64
CA ASN B 49 7.77 -18.49 -4.56
C ASN B 49 6.73 -17.42 -4.92
N ALA B 50 5.80 -17.17 -3.99
CA ALA B 50 4.75 -16.18 -4.20
C ALA B 50 4.47 -15.41 -2.93
N LEU B 51 4.20 -14.11 -3.09
CA LEU B 51 3.93 -13.21 -1.97
C LEU B 51 2.78 -12.26 -2.31
N ALA B 52 1.66 -12.43 -1.59
CA ALA B 52 0.46 -11.62 -1.81
C ALA B 52 0.58 -10.26 -1.15
N LEU B 53 0.41 -9.20 -1.94
CA LEU B 53 0.55 -7.82 -1.46
C LEU B 53 -0.65 -6.93 -1.84
N ASN B 54 -0.64 -5.70 -1.33
CA ASN B 54 -1.70 -4.71 -1.58
C ASN B 54 -1.82 -4.27 -3.03
N SER B 55 -0.71 -4.30 -3.76
CA SER B 55 -0.75 -3.84 -5.15
C SER B 55 0.45 -4.33 -5.95
N ALA B 56 0.37 -4.16 -7.26
CA ALA B 56 1.46 -4.55 -8.16
C ALA B 56 2.60 -3.56 -7.99
N THR B 57 2.24 -2.31 -7.75
CA THR B 57 3.24 -1.26 -7.55
C THR B 57 4.06 -1.62 -6.31
N ALA B 58 3.38 -2.07 -5.27
CA ALA B 58 4.07 -2.48 -4.04
C ALA B 58 4.98 -3.67 -4.37
N ALA B 59 4.49 -4.60 -5.19
CA ALA B 59 5.28 -5.76 -5.56
C ALA B 59 6.57 -5.32 -6.26
N LEU B 60 6.43 -4.39 -7.20
CA LEU B 60 7.58 -3.90 -7.93
C LEU B 60 8.54 -3.17 -6.98
N HIS B 61 7.99 -2.39 -6.06
CA HIS B 61 8.76 -1.64 -5.09
C HIS B 61 9.67 -2.61 -4.32
N LEU B 62 9.08 -3.64 -3.75
CA LEU B 62 9.83 -4.63 -2.98
C LEU B 62 10.83 -5.40 -3.84
N ALA B 63 10.48 -5.68 -5.10
CA ALA B 63 11.40 -6.40 -5.98
C ALA B 63 12.66 -5.56 -6.18
N LEU B 64 12.48 -4.28 -6.51
CA LEU B 64 13.61 -3.38 -6.71
C LEU B 64 14.48 -3.30 -5.46
N ARG B 65 13.85 -3.19 -4.30
CA ARG B 65 14.62 -3.07 -3.06
C ARG B 65 15.40 -4.33 -2.74
N VAL B 66 14.75 -5.48 -2.81
CA VAL B 66 15.42 -6.74 -2.52
C VAL B 66 16.51 -6.99 -3.56
N ALA B 67 16.32 -6.42 -4.76
CA ALA B 67 17.29 -6.57 -5.83
C ALA B 67 18.54 -5.74 -5.58
N GLY B 68 18.48 -4.83 -4.60
CA GLY B 68 19.63 -4.01 -4.28
C GLY B 68 19.64 -2.60 -4.85
N VAL B 69 18.56 -2.20 -5.51
CA VAL B 69 18.50 -0.86 -6.09
C VAL B 69 18.59 0.20 -4.99
N LYS B 70 19.52 1.15 -5.15
CA LYS B 70 19.73 2.22 -4.19
C LYS B 70 19.56 3.57 -4.88
N GLN B 71 19.58 4.64 -4.09
CA GLN B 71 19.44 5.98 -4.65
C GLN B 71 20.51 6.21 -5.72
N ASP B 72 20.07 6.80 -6.83
CA ASP B 72 20.94 7.11 -7.96
C ASP B 72 21.37 5.92 -8.82
N ASP B 73 20.87 4.73 -8.51
CA ASP B 73 21.19 3.59 -9.35
C ASP B 73 20.33 3.78 -10.58
N ILE B 74 20.71 3.15 -11.69
CA ILE B 74 19.94 3.26 -12.92
C ILE B 74 19.05 2.04 -13.08
N VAL B 75 17.79 2.27 -13.44
CA VAL B 75 16.85 1.19 -13.66
C VAL B 75 16.24 1.36 -15.04
N LEU B 76 16.42 0.36 -15.91
CA LEU B 76 15.84 0.41 -17.26
C LEU B 76 14.36 0.09 -17.14
N ALA B 77 13.55 0.66 -18.02
CA ALA B 77 12.11 0.42 -17.98
C ALA B 77 11.41 0.67 -19.29
N SER B 78 10.26 0.01 -19.45
CA SER B 78 9.44 0.15 -20.63
C SER B 78 8.86 1.56 -20.66
N SER B 79 8.85 2.19 -21.82
CA SER B 79 8.28 3.54 -21.93
C SER B 79 6.77 3.40 -22.16
N PHE B 80 6.39 2.47 -23.01
CA PHE B 80 4.99 2.25 -23.33
C PHE B 80 4.42 1.41 -22.20
N THR B 81 3.91 2.08 -21.17
CA THR B 81 3.35 1.41 -20.02
C THR B 81 2.53 2.36 -19.14
N PHE B 82 2.12 1.85 -17.98
CA PHE B 82 1.34 2.60 -17.01
C PHE B 82 2.35 3.07 -15.96
N ILE B 83 2.25 4.33 -15.53
CA ILE B 83 3.20 4.88 -14.57
C ILE B 83 3.29 4.07 -13.27
N ALA B 84 2.24 3.34 -12.92
CA ALA B 84 2.25 2.53 -11.70
C ALA B 84 3.41 1.55 -11.73
N SER B 85 3.84 1.19 -12.94
CA SER B 85 4.91 0.23 -13.12
C SER B 85 6.30 0.79 -12.85
N VAL B 86 6.46 2.10 -13.02
CA VAL B 86 7.78 2.70 -12.83
C VAL B 86 7.91 3.63 -11.64
N ALA B 87 6.80 4.00 -11.01
CA ALA B 87 6.86 4.88 -9.85
C ALA B 87 7.84 4.33 -8.79
N PRO B 88 7.90 3.00 -8.61
CA PRO B 88 8.82 2.43 -7.62
C PRO B 88 10.27 2.90 -7.79
N ILE B 89 10.68 3.17 -9.02
CA ILE B 89 12.02 3.66 -9.28
C ILE B 89 12.18 5.01 -8.56
N CYS B 90 11.15 5.84 -8.64
CA CYS B 90 11.16 7.16 -7.99
C CYS B 90 11.16 7.01 -6.47
N TYR B 91 10.46 6.00 -5.96
CA TYR B 91 10.38 5.77 -4.52
C TYR B 91 11.77 5.59 -3.93
N LEU B 92 12.63 4.89 -4.68
CA LEU B 92 13.98 4.62 -4.22
C LEU B 92 14.97 5.69 -4.65
N LYS B 93 14.46 6.68 -5.39
CA LYS B 93 15.27 7.77 -5.90
C LYS B 93 16.33 7.28 -6.88
N ALA B 94 15.95 6.27 -7.67
CA ALA B 94 16.84 5.72 -8.68
C ALA B 94 16.53 6.50 -9.96
N LYS B 95 17.37 6.33 -10.98
CA LYS B 95 17.17 7.06 -12.23
C LYS B 95 16.67 6.15 -13.33
N PRO B 96 15.50 6.49 -13.90
CA PRO B 96 14.90 5.71 -14.98
C PRO B 96 15.45 6.00 -16.37
N VAL B 97 15.54 4.96 -17.19
CA VAL B 97 15.98 5.06 -18.57
C VAL B 97 14.90 4.31 -19.34
N PHE B 98 14.08 5.05 -20.09
CA PHE B 98 12.98 4.43 -20.82
C PHE B 98 13.30 3.95 -22.23
N ILE B 99 12.69 2.82 -22.61
CA ILE B 99 12.92 2.22 -23.91
C ILE B 99 11.63 2.01 -24.70
N ASP B 100 11.64 2.45 -25.96
CA ASP B 100 10.49 2.35 -26.85
C ASP B 100 10.16 0.88 -27.15
N CYS B 101 9.06 0.66 -27.87
CA CYS B 101 8.59 -0.70 -28.17
C CYS B 101 8.75 -1.21 -29.60
N ASP B 102 8.48 -2.51 -29.76
CA ASP B 102 8.53 -3.14 -31.08
C ASP B 102 7.08 -3.47 -31.44
N GLU B 103 6.88 -4.38 -32.40
CA GLU B 103 5.55 -4.73 -32.83
C GLU B 103 4.70 -5.51 -31.83
N THR B 104 5.27 -5.87 -30.69
CA THR B 104 4.51 -6.60 -29.69
C THR B 104 3.95 -5.62 -28.65
N TYR B 105 4.36 -4.36 -28.74
CA TYR B 105 3.97 -3.30 -27.80
C TYR B 105 5.02 -3.22 -26.69
N ASN B 106 5.95 -4.16 -26.71
CA ASN B 106 6.97 -4.22 -25.68
C ASN B 106 8.37 -3.75 -26.09
N ILE B 107 9.23 -3.56 -25.10
CA ILE B 107 10.59 -3.08 -25.31
C ILE B 107 11.28 -3.69 -26.52
N ASP B 108 11.77 -2.82 -27.40
CA ASP B 108 12.48 -3.27 -28.59
C ASP B 108 13.89 -3.75 -28.21
N VAL B 109 14.24 -4.93 -28.70
CA VAL B 109 15.53 -5.55 -28.41
C VAL B 109 16.75 -4.71 -28.76
N ASP B 110 16.75 -4.07 -29.93
CA ASP B 110 17.89 -3.25 -30.32
C ASP B 110 18.02 -1.98 -29.47
N LEU B 111 16.89 -1.34 -29.15
CA LEU B 111 16.96 -0.13 -28.34
C LEU B 111 17.50 -0.48 -26.96
N LEU B 112 17.14 -1.66 -26.46
CA LEU B 112 17.58 -2.11 -25.14
C LEU B 112 19.09 -2.28 -25.12
N LYS B 113 19.64 -2.96 -26.12
CA LYS B 113 21.09 -3.17 -26.19
C LYS B 113 21.79 -1.83 -26.32
N LEU B 114 21.27 -0.97 -27.20
CA LEU B 114 21.87 0.34 -27.41
C LEU B 114 21.93 1.13 -26.10
N ALA B 115 20.82 1.12 -25.35
CA ALA B 115 20.76 1.85 -24.08
C ALA B 115 21.80 1.29 -23.11
N ILE B 116 21.96 -0.03 -23.11
CA ILE B 116 22.92 -0.66 -22.23
C ILE B 116 24.34 -0.30 -22.66
N LYS B 117 24.59 -0.32 -23.96
CA LYS B 117 25.90 0.01 -24.50
C LYS B 117 26.34 1.43 -24.18
N GLU B 118 25.39 2.36 -24.14
CA GLU B 118 25.66 3.76 -23.88
C GLU B 118 25.56 4.25 -22.44
N CYS B 119 25.20 3.38 -21.50
CA CYS B 119 25.06 3.83 -20.12
C CYS B 119 26.37 4.16 -19.43
N GLU B 120 26.40 5.33 -18.79
CA GLU B 120 27.57 5.81 -18.06
C GLU B 120 28.02 4.68 -17.15
N LYS B 121 27.08 4.15 -16.37
CA LYS B 121 27.38 3.03 -15.48
C LYS B 121 26.40 1.89 -15.73
N LYS B 122 26.69 0.73 -15.18
CA LYS B 122 25.84 -0.44 -15.37
C LYS B 122 24.48 -0.38 -14.68
N PRO B 123 23.39 -0.49 -15.44
CA PRO B 123 22.05 -0.46 -14.85
C PRO B 123 21.89 -1.66 -13.92
N LYS B 124 21.24 -1.45 -12.78
CA LYS B 124 21.03 -2.51 -11.80
C LYS B 124 19.92 -3.45 -12.20
N ALA B 125 18.88 -2.91 -12.81
CA ALA B 125 17.74 -3.73 -13.18
C ALA B 125 16.95 -3.21 -14.36
N LEU B 126 16.01 -4.03 -14.80
CA LEU B 126 15.12 -3.70 -15.90
C LEU B 126 13.71 -4.11 -15.50
N ILE B 127 12.77 -3.17 -15.62
CA ILE B 127 11.37 -3.47 -15.33
C ILE B 127 10.76 -3.61 -16.71
N LEU B 128 10.44 -4.84 -17.09
CA LEU B 128 9.88 -5.13 -18.39
C LEU B 128 8.37 -5.33 -18.32
N THR B 129 7.63 -4.47 -19.00
CA THR B 129 6.18 -4.58 -19.01
C THR B 129 5.72 -5.46 -20.16
N HIS B 130 4.71 -6.28 -19.89
CA HIS B 130 4.11 -7.14 -20.92
C HIS B 130 2.78 -6.45 -21.16
N LEU B 131 2.80 -5.45 -22.03
CA LEU B 131 1.64 -4.63 -22.33
C LEU B 131 0.42 -5.30 -22.93
N TYR B 132 -0.73 -5.04 -22.30
CA TYR B 132 -2.00 -5.59 -22.71
C TYR B 132 -1.97 -7.11 -22.75
N GLY B 133 -1.03 -7.69 -22.02
CA GLY B 133 -0.92 -9.15 -21.94
C GLY B 133 0.04 -9.78 -22.93
N ASN B 134 0.44 -9.04 -23.97
CA ASN B 134 1.35 -9.54 -24.98
C ASN B 134 2.73 -9.86 -24.42
N ALA B 135 3.30 -10.96 -24.88
CA ALA B 135 4.62 -11.37 -24.44
C ALA B 135 5.69 -10.58 -25.19
N ALA B 136 6.77 -10.25 -24.48
CA ALA B 136 7.90 -9.53 -25.09
C ALA B 136 8.80 -10.64 -25.66
N LYS B 137 9.84 -10.27 -26.38
CA LYS B 137 10.77 -11.26 -26.95
C LYS B 137 11.67 -11.74 -25.82
N MET B 138 11.16 -12.73 -25.09
CA MET B 138 11.85 -13.24 -23.91
C MET B 138 13.22 -13.93 -24.09
N ASP B 139 13.38 -14.75 -25.12
CA ASP B 139 14.67 -15.40 -25.30
C ASP B 139 15.78 -14.33 -25.40
N GLU B 140 15.55 -13.33 -26.24
CA GLU B 140 16.52 -12.25 -26.43
C GLU B 140 16.73 -11.36 -25.21
N ILE B 141 15.65 -10.94 -24.57
CA ILE B 141 15.75 -10.07 -23.41
C ILE B 141 16.35 -10.76 -22.19
N VAL B 142 15.98 -12.02 -21.98
CA VAL B 142 16.53 -12.78 -20.85
C VAL B 142 18.03 -12.91 -21.04
N GLU B 143 18.45 -13.19 -22.27
CA GLU B 143 19.86 -13.34 -22.59
C GLU B 143 20.59 -12.01 -22.38
N ILE B 144 20.02 -10.94 -22.92
CA ILE B 144 20.63 -9.63 -22.78
C ILE B 144 20.84 -9.25 -21.31
N CYS B 145 19.87 -9.54 -20.46
CA CYS B 145 20.00 -9.21 -19.05
C CYS B 145 21.02 -10.10 -18.36
N LYS B 146 21.08 -11.36 -18.75
CA LYS B 146 22.02 -12.30 -18.18
C LYS B 146 23.46 -11.88 -18.50
N GLU B 147 23.71 -11.67 -19.78
CA GLU B 147 25.03 -11.27 -20.26
C GLU B 147 25.54 -9.98 -19.63
N ASN B 148 24.62 -9.09 -19.28
CA ASN B 148 25.00 -7.81 -18.69
C ASN B 148 24.81 -7.71 -17.17
N ASP B 149 24.47 -8.83 -16.55
CA ASP B 149 24.27 -8.87 -15.11
C ASP B 149 23.21 -7.86 -14.67
N ILE B 150 22.10 -7.83 -15.40
CA ILE B 150 20.99 -6.93 -15.09
C ILE B 150 19.83 -7.74 -14.54
N VAL B 151 19.37 -7.40 -13.34
CA VAL B 151 18.25 -8.09 -12.72
C VAL B 151 16.98 -7.86 -13.53
N LEU B 152 16.36 -8.95 -13.97
CA LEU B 152 15.13 -8.83 -14.76
C LEU B 152 13.89 -8.96 -13.87
N ILE B 153 13.06 -7.92 -13.90
CA ILE B 153 11.82 -7.89 -13.14
C ILE B 153 10.68 -7.75 -14.14
N GLU B 154 9.81 -8.76 -14.19
CA GLU B 154 8.70 -8.71 -15.13
C GLU B 154 7.45 -8.05 -14.58
N ASP B 155 7.01 -6.97 -15.22
CA ASP B 155 5.77 -6.33 -14.81
C ASP B 155 4.68 -7.01 -15.64
N ALA B 156 4.12 -8.08 -15.09
CA ALA B 156 3.06 -8.82 -15.76
C ALA B 156 1.72 -8.49 -15.14
N ALA B 157 1.57 -7.23 -14.71
CA ALA B 157 0.32 -6.79 -14.08
C ALA B 157 -0.90 -7.13 -14.91
N GLU B 158 -0.83 -6.94 -16.21
CA GLU B 158 -1.95 -7.25 -17.12
C GLU B 158 -1.68 -8.55 -17.87
N ALA B 159 -0.59 -9.24 -17.56
CA ALA B 159 -0.23 -10.44 -18.29
C ALA B 159 -0.38 -11.78 -17.58
N LEU B 160 -1.14 -11.83 -16.49
CA LEU B 160 -1.33 -13.10 -15.80
C LEU B 160 -2.19 -13.94 -16.74
N GLY B 161 -1.71 -15.13 -17.08
CA GLY B 161 -2.45 -15.97 -18.00
C GLY B 161 -1.81 -15.94 -19.38
N SER B 162 -0.78 -15.11 -19.54
CA SER B 162 -0.05 -15.02 -20.79
C SER B 162 1.14 -15.96 -20.71
N PHE B 163 1.52 -16.54 -21.85
CA PHE B 163 2.64 -17.47 -21.89
C PHE B 163 3.58 -17.20 -23.06
N TYR B 164 4.84 -17.61 -22.88
CA TYR B 164 5.86 -17.49 -23.92
C TYR B 164 6.44 -18.91 -24.02
N LYS B 165 6.26 -19.55 -25.18
CA LYS B 165 6.73 -20.90 -25.38
C LYS B 165 6.25 -21.80 -24.23
N ASN B 166 4.96 -21.71 -23.94
CA ASN B 166 4.31 -22.49 -22.89
C ASN B 166 4.82 -22.24 -21.48
N LYS B 167 5.56 -21.15 -21.29
CA LYS B 167 6.08 -20.81 -19.98
C LYS B 167 5.39 -19.50 -19.56
N ALA B 168 4.83 -19.48 -18.36
CA ALA B 168 4.09 -18.32 -17.88
C ALA B 168 4.90 -17.02 -17.76
N LEU B 169 4.38 -15.95 -18.35
CA LEU B 169 5.06 -14.66 -18.25
C LEU B 169 5.14 -14.34 -16.76
N GLY B 170 6.25 -13.73 -16.35
CA GLY B 170 6.41 -13.42 -14.94
C GLY B 170 7.38 -14.39 -14.27
N THR B 171 7.67 -15.51 -14.93
CA THR B 171 8.58 -16.51 -14.38
C THR B 171 9.91 -16.58 -15.15
N PHE B 172 10.15 -15.60 -16.02
CA PHE B 172 11.40 -15.56 -16.76
C PHE B 172 12.42 -14.72 -16.00
N GLY B 173 11.95 -13.65 -15.37
CA GLY B 173 12.85 -12.79 -14.62
C GLY B 173 13.12 -13.29 -13.21
N GLU B 174 14.04 -12.61 -12.54
CA GLU B 174 14.37 -12.94 -11.16
C GLU B 174 13.10 -12.70 -10.36
N PHE B 175 12.30 -11.73 -10.81
CA PHE B 175 11.05 -11.38 -10.16
C PHE B 175 9.95 -11.17 -11.17
N GLY B 176 8.72 -11.50 -10.77
CA GLY B 176 7.57 -11.32 -11.64
C GLY B 176 6.46 -10.67 -10.83
N VAL B 177 5.59 -9.93 -11.50
CA VAL B 177 4.51 -9.25 -10.81
C VAL B 177 3.17 -9.39 -11.52
N TYR B 178 2.12 -9.70 -10.75
CA TYR B 178 0.76 -9.85 -11.28
C TYR B 178 -0.20 -8.91 -10.56
N SER B 179 -1.20 -8.42 -11.28
CA SER B 179 -2.22 -7.55 -10.69
C SER B 179 -3.58 -8.22 -10.91
N TYR B 180 -4.60 -7.77 -10.19
CA TYR B 180 -5.90 -8.43 -10.33
C TYR B 180 -7.16 -7.63 -10.60
N ASN B 181 -7.15 -6.31 -10.45
CA ASN B 181 -8.40 -5.61 -10.65
C ASN B 181 -8.51 -4.39 -11.56
N GLY B 182 -7.67 -4.33 -12.59
CA GLY B 182 -7.78 -3.22 -13.51
C GLY B 182 -7.33 -1.90 -12.91
N ASN B 183 -7.60 -0.82 -13.64
CA ASN B 183 -7.16 0.48 -13.17
C ASN B 183 -8.23 1.53 -12.94
N LYS B 184 -9.46 1.09 -12.67
CA LYS B 184 -10.54 2.03 -12.39
C LYS B 184 -9.99 2.77 -11.16
N ILE B 185 -10.26 4.07 -11.05
CA ILE B 185 -9.74 4.84 -9.93
C ILE B 185 -10.01 4.20 -8.56
N ILE B 186 -11.15 3.51 -8.45
CA ILE B 186 -11.50 2.79 -7.23
C ILE B 186 -12.11 1.47 -7.70
N THR B 187 -11.59 0.36 -7.20
CA THR B 187 -12.09 -0.95 -7.60
C THR B 187 -12.78 -1.71 -6.47
N THR B 188 -13.47 -2.77 -6.84
CA THR B 188 -14.18 -3.61 -5.89
C THR B 188 -13.18 -4.27 -4.95
N SER B 189 -12.16 -4.87 -5.54
CA SER B 189 -11.14 -5.55 -4.78
C SER B 189 -9.80 -4.90 -5.07
N GLY B 190 -8.74 -5.53 -4.62
CA GLY B 190 -7.41 -5.01 -4.86
C GLY B 190 -6.42 -6.13 -4.58
N GLY B 191 -5.18 -5.95 -5.01
CA GLY B 191 -4.20 -6.97 -4.77
C GLY B 191 -3.14 -7.08 -5.84
N GLY B 192 -1.99 -7.58 -5.43
CA GLY B 192 -0.88 -7.78 -6.34
C GLY B 192 -0.15 -9.01 -5.85
N MET B 193 0.67 -9.59 -6.70
CA MET B 193 1.41 -10.78 -6.31
C MET B 193 2.84 -10.68 -6.80
N LEU B 194 3.78 -10.91 -5.90
CA LEU B 194 5.19 -10.89 -6.27
C LEU B 194 5.64 -12.35 -6.31
N ILE B 195 6.20 -12.78 -7.44
CA ILE B 195 6.72 -14.15 -7.52
C ILE B 195 8.19 -14.00 -7.85
N GLY B 196 8.97 -15.06 -7.63
CA GLY B 196 10.39 -14.99 -7.91
C GLY B 196 11.06 -16.34 -7.88
N LYS B 197 12.30 -16.36 -8.35
CA LYS B 197 13.09 -17.58 -8.42
C LYS B 197 13.88 -17.91 -7.15
N ASN B 198 14.26 -16.87 -6.41
CA ASN B 198 15.06 -17.06 -5.19
C ASN B 198 14.21 -16.97 -3.93
N LYS B 199 14.06 -18.11 -3.26
CA LYS B 199 13.26 -18.18 -2.04
C LYS B 199 13.68 -17.15 -0.99
N GLU B 200 14.99 -16.98 -0.83
CA GLU B 200 15.50 -16.06 0.17
C GLU B 200 15.10 -14.61 -0.15
N LYS B 201 15.21 -14.23 -1.42
CA LYS B 201 14.86 -12.87 -1.86
C LYS B 201 13.36 -12.63 -1.66
N ILE B 202 12.55 -13.63 -1.98
CA ILE B 202 11.10 -13.49 -1.84
C ILE B 202 10.72 -13.42 -0.37
N GLU B 203 11.37 -14.23 0.46
CA GLU B 203 11.07 -14.20 1.88
C GLU B 203 11.54 -12.88 2.51
N LYS B 204 12.54 -12.23 1.92
CA LYS B 204 13.02 -10.95 2.44
C LYS B 204 11.94 -9.91 2.10
N ALA B 205 11.34 -10.05 0.93
CA ALA B 205 10.29 -9.13 0.52
C ALA B 205 9.11 -9.30 1.49
N ARG B 206 8.77 -10.56 1.79
CA ARG B 206 7.68 -10.87 2.72
C ARG B 206 7.98 -10.20 4.07
N PHE B 207 9.23 -10.29 4.49
CA PHE B 207 9.70 -9.69 5.74
C PHE B 207 9.43 -8.18 5.71
N TYR B 208 9.75 -7.56 4.58
CA TYR B 208 9.55 -6.12 4.38
C TYR B 208 8.07 -5.74 4.31
N SER B 209 7.26 -6.61 3.72
CA SER B 209 5.84 -6.32 3.56
C SER B 209 5.06 -6.20 4.87
N THR B 210 5.65 -6.65 5.97
CA THR B 210 4.97 -6.55 7.27
C THR B 210 5.76 -5.79 8.35
N GLN B 211 6.28 -4.63 7.96
CA GLN B 211 7.03 -3.74 8.87
C GLN B 211 8.39 -4.24 9.37
N ALA B 212 8.96 -5.21 8.68
CA ALA B 212 10.28 -5.73 9.04
C ALA B 212 10.40 -6.16 10.50
N ARG B 213 9.51 -7.04 10.93
CA ARG B 213 9.51 -7.54 12.30
C ARG B 213 10.44 -8.75 12.46
N GLU B 214 11.22 -8.76 13.55
CA GLU B 214 12.08 -9.91 13.78
C GLU B 214 11.14 -10.92 14.40
N ASN B 215 11.45 -12.21 14.30
CA ASN B 215 10.56 -13.21 14.87
C ASN B 215 10.79 -13.32 16.37
N CYS B 216 10.25 -12.36 17.11
CA CYS B 216 10.36 -12.30 18.58
C CYS B 216 8.96 -12.07 19.15
N LEU B 217 8.80 -12.33 20.44
CA LEU B 217 7.51 -12.11 21.09
C LEU B 217 7.19 -10.62 21.02
N HIS B 218 8.20 -9.79 21.32
CA HIS B 218 8.05 -8.35 21.29
C HIS B 218 8.43 -7.84 19.90
N TYR B 219 8.42 -6.52 19.73
CA TYR B 219 8.77 -5.92 18.46
C TYR B 219 10.22 -5.46 18.40
N GLU B 220 11.00 -6.11 17.54
CA GLU B 220 12.42 -5.80 17.36
C GLU B 220 12.67 -5.55 15.87
N HIS B 221 13.42 -4.49 15.55
CA HIS B 221 13.67 -4.16 14.16
C HIS B 221 15.12 -3.86 13.80
N LEU B 222 15.61 -4.54 12.78
CA LEU B 222 16.98 -4.35 12.29
C LEU B 222 16.90 -3.43 11.09
N ASP B 223 15.71 -3.35 10.50
CA ASP B 223 15.47 -2.52 9.33
C ASP B 223 14.04 -2.00 9.40
N TYR B 224 13.67 -1.15 8.44
CA TYR B 224 12.32 -0.61 8.39
C TYR B 224 11.65 -1.26 7.17
N GLY B 225 10.33 -1.42 7.26
CA GLY B 225 9.59 -2.04 6.18
C GLY B 225 8.36 -1.24 5.79
N TYR B 226 7.33 -1.96 5.38
CA TYR B 226 6.09 -1.34 4.93
C TYR B 226 4.86 -2.14 5.37
N ASN B 227 3.69 -1.63 5.04
CA ASN B 227 2.45 -2.33 5.31
C ASN B 227 1.93 -2.61 3.91
N TYR B 228 2.45 -3.69 3.30
CA TYR B 228 2.08 -4.07 1.96
C TYR B 228 1.35 -5.40 1.89
N ARG B 229 1.26 -6.09 3.02
CA ARG B 229 0.63 -7.40 3.06
C ARG B 229 -0.87 -7.38 2.77
N LEU B 230 -1.30 -8.31 1.92
CA LEU B 230 -2.70 -8.42 1.56
C LEU B 230 -3.53 -8.90 2.75
N SER B 231 -4.78 -8.48 2.81
CA SER B 231 -5.67 -8.90 3.89
C SER B 231 -6.29 -10.26 3.54
N ASN B 232 -6.80 -10.96 4.55
CA ASN B 232 -7.42 -12.26 4.31
C ASN B 232 -8.66 -12.14 3.42
N VAL B 233 -9.43 -11.06 3.58
CA VAL B 233 -10.63 -10.87 2.75
C VAL B 233 -10.27 -10.77 1.27
N LEU B 234 -9.33 -9.89 0.94
CA LEU B 234 -8.94 -9.72 -0.45
C LEU B 234 -8.22 -10.98 -0.93
N GLY B 235 -7.60 -11.70 -0.01
CA GLY B 235 -6.93 -12.93 -0.39
C GLY B 235 -7.99 -13.92 -0.87
N ALA B 236 -9.10 -14.00 -0.15
CA ALA B 236 -10.19 -14.91 -0.52
C ALA B 236 -10.70 -14.59 -1.93
N ILE B 237 -10.81 -13.30 -2.23
CA ILE B 237 -11.27 -12.89 -3.55
C ILE B 237 -10.23 -13.31 -4.59
N GLY B 238 -8.95 -13.12 -4.25
CA GLY B 238 -7.88 -13.51 -5.16
C GLY B 238 -7.94 -14.98 -5.53
N VAL B 239 -8.23 -15.84 -4.54
CA VAL B 239 -8.33 -17.27 -4.79
C VAL B 239 -9.46 -17.54 -5.80
N ALA B 240 -10.61 -16.93 -5.57
CA ALA B 240 -11.76 -17.09 -6.45
C ALA B 240 -11.40 -16.66 -7.85
N GLN B 241 -10.64 -15.58 -7.97
CA GLN B 241 -10.24 -15.08 -9.28
C GLN B 241 -9.28 -16.03 -9.99
N MET B 242 -8.35 -16.62 -9.25
CA MET B 242 -7.39 -17.54 -9.83
C MET B 242 -8.08 -18.82 -10.32
N GLU B 243 -9.09 -19.27 -9.59
CA GLU B 243 -9.79 -20.49 -9.96
C GLU B 243 -10.53 -20.40 -11.28
N VAL B 244 -10.84 -19.18 -11.71
CA VAL B 244 -11.54 -18.99 -12.98
C VAL B 244 -10.71 -18.21 -13.99
N LEU B 245 -9.43 -17.99 -13.65
CA LEU B 245 -8.53 -17.26 -14.53
C LEU B 245 -8.45 -17.84 -15.94
N GLU B 246 -8.20 -19.15 -16.03
CA GLU B 246 -8.08 -19.79 -17.33
C GLU B 246 -9.34 -19.65 -18.17
N GLN B 247 -10.51 -19.83 -17.55
CA GLN B 247 -11.77 -19.68 -18.27
C GLN B 247 -11.88 -18.24 -18.79
N ARG B 248 -11.42 -17.29 -17.99
CA ARG B 248 -11.46 -15.88 -18.36
C ARG B 248 -10.57 -15.61 -19.56
N VAL B 249 -9.31 -16.04 -19.46
CA VAL B 249 -8.36 -15.84 -20.55
C VAL B 249 -8.94 -16.33 -21.86
N LEU B 250 -9.41 -17.57 -21.87
CA LEU B 250 -9.98 -18.16 -23.08
C LEU B 250 -11.09 -17.31 -23.67
N LYS B 251 -11.91 -16.71 -22.80
CA LYS B 251 -13.00 -15.86 -23.25
C LYS B 251 -12.42 -14.55 -23.81
N LYS B 252 -11.42 -13.99 -23.15
CA LYS B 252 -10.79 -12.75 -23.62
C LYS B 252 -10.28 -12.98 -25.03
N ARG B 253 -9.67 -14.14 -25.24
CA ARG B 253 -9.12 -14.47 -26.54
C ARG B 253 -10.21 -14.62 -27.60
N GLU B 254 -11.37 -15.14 -27.20
CA GLU B 254 -12.48 -15.29 -28.10
C GLU B 254 -12.94 -13.90 -28.53
N ILE B 255 -13.13 -13.04 -27.53
CA ILE B 255 -13.55 -11.67 -27.76
C ILE B 255 -12.60 -10.97 -28.72
N TYR B 256 -11.30 -11.18 -28.51
CA TYR B 256 -10.29 -10.58 -29.36
C TYR B 256 -10.49 -11.01 -30.81
N GLU B 257 -10.71 -12.31 -31.01
CA GLU B 257 -10.90 -12.86 -32.35
C GLU B 257 -12.17 -12.32 -33.00
N TRP B 258 -13.22 -12.11 -32.21
CA TRP B 258 -14.47 -11.58 -32.75
C TRP B 258 -14.23 -10.16 -33.26
N TYR B 259 -13.49 -9.36 -32.51
CA TYR B 259 -13.19 -8.00 -32.94
C TYR B 259 -12.39 -8.07 -34.24
N LYS B 260 -11.41 -8.96 -34.29
CA LYS B 260 -10.60 -9.09 -35.50
C LYS B 260 -11.47 -9.53 -36.68
N GLU B 261 -12.47 -10.36 -36.40
CA GLU B 261 -13.34 -10.86 -37.45
C GLU B 261 -14.23 -9.76 -38.02
N PHE B 262 -14.78 -8.92 -37.13
CA PHE B 262 -15.67 -7.85 -37.58
C PHE B 262 -14.97 -6.55 -37.97
N LEU B 263 -13.78 -6.29 -37.42
CA LEU B 263 -13.08 -5.05 -37.72
C LEU B 263 -11.75 -5.22 -38.46
N GLY B 264 -11.33 -6.47 -38.66
CA GLY B 264 -10.07 -6.74 -39.33
C GLY B 264 -9.79 -6.01 -40.62
N GLU B 265 -10.86 -5.57 -41.30
CA GLU B 265 -10.70 -4.88 -42.57
C GLU B 265 -10.14 -3.47 -42.45
N TYR B 266 -10.52 -2.75 -41.40
CA TYR B 266 -10.05 -1.38 -41.21
C TYR B 266 -9.09 -1.20 -40.04
N PHE B 267 -9.00 -2.19 -39.16
CA PHE B 267 -8.10 -2.08 -38.01
C PHE B 267 -7.07 -3.20 -38.02
N SER B 268 -5.87 -2.91 -37.53
CA SER B 268 -4.82 -3.90 -37.48
C SER B 268 -4.75 -4.49 -36.08
N PHE B 269 -4.71 -5.81 -35.99
CA PHE B 269 -4.62 -6.49 -34.71
C PHE B 269 -3.32 -7.28 -34.77
N LEU B 270 -2.24 -6.63 -34.34
CA LEU B 270 -0.90 -7.23 -34.38
C LEU B 270 -0.81 -8.59 -33.69
N ASP B 271 -0.25 -9.56 -34.39
CA ASP B 271 -0.12 -10.91 -33.88
C ASP B 271 0.77 -11.04 -32.65
N GLU B 272 0.41 -12.00 -31.82
CA GLU B 272 1.18 -12.30 -30.62
C GLU B 272 2.40 -13.05 -31.16
N LEU B 273 3.49 -13.01 -30.41
CA LEU B 273 4.71 -13.70 -30.83
C LEU B 273 4.42 -15.18 -31.13
N GLU B 274 5.13 -15.74 -32.11
CA GLU B 274 4.95 -17.14 -32.45
C GLU B 274 5.21 -17.99 -31.21
N ASN B 275 4.38 -19.01 -31.00
CA ASN B 275 4.50 -19.91 -29.87
C ASN B 275 4.22 -19.27 -28.52
N SER B 276 3.61 -18.09 -28.52
CA SER B 276 3.27 -17.43 -27.27
C SER B 276 1.76 -17.37 -27.20
N ARG B 277 1.24 -16.96 -26.06
CA ARG B 277 -0.20 -16.84 -25.89
C ARG B 277 -0.48 -15.62 -25.05
N SER B 278 -0.98 -14.57 -25.71
CA SER B 278 -1.33 -13.35 -25.04
C SER B 278 -2.68 -13.60 -24.38
N ASN B 279 -2.84 -13.15 -23.13
CA ASN B 279 -4.10 -13.35 -22.45
C ASN B 279 -5.14 -12.38 -22.99
N ARG B 280 -4.69 -11.48 -23.88
CA ARG B 280 -5.58 -10.49 -24.49
C ARG B 280 -6.54 -9.89 -23.46
N TRP B 281 -6.02 -9.60 -22.27
CA TRP B 281 -6.85 -9.05 -21.21
C TRP B 281 -7.64 -7.83 -21.67
N LEU B 282 -7.05 -7.05 -22.57
CA LEU B 282 -7.72 -5.90 -23.15
C LEU B 282 -7.48 -5.98 -24.65
N SER B 283 -8.57 -5.93 -25.43
CA SER B 283 -8.42 -5.99 -26.89
C SER B 283 -8.09 -4.58 -27.39
N THR B 284 -7.04 -4.49 -28.20
CA THR B 284 -6.63 -3.20 -28.75
C THR B 284 -6.44 -3.37 -30.25
N ALA B 285 -6.57 -2.26 -30.98
CA ALA B 285 -6.42 -2.27 -32.43
C ALA B 285 -5.90 -0.93 -32.94
N LEU B 286 -5.31 -0.95 -34.13
CA LEU B 286 -4.76 0.25 -34.75
C LEU B 286 -5.51 0.59 -36.03
N ILE B 287 -5.89 1.86 -36.18
CA ILE B 287 -6.60 2.28 -37.37
C ILE B 287 -5.63 2.76 -38.46
N ASN B 288 -6.02 2.59 -39.72
CA ASN B 288 -5.19 2.97 -40.88
C ASN B 288 -3.71 2.77 -40.62
N PHE B 289 -3.34 1.55 -40.24
CA PHE B 289 -1.96 1.22 -39.93
C PHE B 289 -1.38 0.12 -40.82
N ASP B 290 -0.09 0.21 -41.07
CA ASP B 290 0.62 -0.79 -41.86
C ASP B 290 2.00 -0.99 -41.23
N LYS B 291 2.47 -2.22 -41.20
CA LYS B 291 3.77 -2.53 -40.61
C LYS B 291 4.89 -1.63 -41.14
N ASN B 292 4.70 -1.07 -42.33
CA ASN B 292 5.73 -0.22 -42.92
C ASN B 292 6.01 1.10 -42.19
N GLU B 293 5.11 1.53 -41.30
CA GLU B 293 5.37 2.77 -40.59
C GLU B 293 6.09 2.57 -39.26
N LEU B 294 6.46 1.33 -38.98
CA LEU B 294 7.17 0.96 -37.76
C LEU B 294 8.64 1.41 -37.84
N ASN B 295 9.22 1.72 -36.69
CA ASN B 295 10.62 2.15 -36.61
C ASN B 295 10.94 3.33 -37.52
N ALA B 296 10.01 4.27 -37.64
CA ALA B 296 10.19 5.42 -38.51
C ALA B 296 11.06 6.53 -37.96
N CYS B 297 11.05 6.73 -36.64
CA CYS B 297 11.83 7.81 -36.03
C CYS B 297 12.80 7.33 -34.96
N GLN B 298 14.03 7.03 -35.35
CA GLN B 298 15.01 6.56 -34.39
C GLN B 298 15.91 7.64 -33.78
N LYS B 299 15.92 7.68 -32.45
CA LYS B 299 16.70 8.66 -31.71
C LYS B 299 16.55 8.49 -30.20
N ASP B 300 17.36 9.23 -29.45
CA ASP B 300 17.28 9.22 -27.99
C ASP B 300 17.15 10.68 -27.55
N ILE B 301 16.44 10.91 -26.45
CA ILE B 301 16.20 12.26 -26.01
C ILE B 301 16.35 12.48 -24.51
N ASN B 302 16.35 13.75 -24.13
CA ASN B 302 16.35 14.12 -22.72
C ASN B 302 14.87 14.45 -22.64
N ILE B 303 14.12 13.60 -21.97
CA ILE B 303 12.67 13.72 -21.83
C ILE B 303 12.09 15.10 -21.53
N SER B 304 11.07 15.45 -22.31
CA SER B 304 10.31 16.70 -22.18
C SER B 304 8.84 16.32 -22.42
N GLN B 305 7.92 16.98 -21.73
CA GLN B 305 6.50 16.69 -21.90
C GLN B 305 6.20 16.84 -23.38
N LYS B 306 5.35 15.98 -23.90
CA LYS B 306 4.99 16.03 -25.30
C LYS B 306 3.52 15.71 -25.50
N ASN B 307 2.81 16.59 -26.20
CA ASN B 307 1.41 16.37 -26.47
C ASN B 307 1.32 15.63 -27.80
N ILE B 308 0.53 14.57 -27.83
CA ILE B 308 0.36 13.80 -29.05
C ILE B 308 -1.11 13.84 -29.42
N THR B 309 -1.40 14.35 -30.60
CA THR B 309 -2.77 14.43 -31.06
C THR B 309 -3.23 13.07 -31.56
N LEU B 310 -4.39 12.64 -31.10
CA LEU B 310 -4.92 11.36 -31.54
C LEU B 310 -5.32 11.45 -33.01
N HIS B 311 -5.23 10.33 -33.71
CA HIS B 311 -5.62 10.28 -35.11
C HIS B 311 -7.09 10.73 -35.12
N PRO B 312 -7.45 11.62 -36.05
CA PRO B 312 -8.83 12.12 -36.14
C PRO B 312 -9.92 11.07 -35.92
N LYS B 313 -9.78 9.92 -36.57
CA LYS B 313 -10.77 8.85 -36.45
C LYS B 313 -10.83 8.18 -35.07
N ILE B 314 -9.72 8.16 -34.35
CA ILE B 314 -9.70 7.56 -33.02
C ILE B 314 -10.43 8.45 -32.02
N SER B 315 -10.11 9.73 -32.03
CA SER B 315 -10.76 10.66 -31.12
C SER B 315 -12.26 10.69 -31.40
N LYS B 316 -12.63 10.59 -32.67
CA LYS B 316 -14.04 10.60 -33.04
C LYS B 316 -14.71 9.30 -32.62
N LEU B 317 -14.00 8.19 -32.80
CA LEU B 317 -14.52 6.88 -32.42
C LEU B 317 -14.84 6.87 -30.93
N ILE B 318 -13.91 7.38 -30.12
CA ILE B 318 -14.12 7.43 -28.68
C ILE B 318 -15.35 8.26 -28.32
N GLU B 319 -15.50 9.40 -28.99
CA GLU B 319 -16.64 10.27 -28.73
C GLU B 319 -17.97 9.65 -29.14
N ASP B 320 -18.03 9.07 -30.33
CA ASP B 320 -19.27 8.44 -30.77
C ASP B 320 -19.72 7.32 -29.86
N LEU B 321 -18.80 6.43 -29.48
CA LEU B 321 -19.16 5.33 -28.61
C LEU B 321 -19.61 5.82 -27.24
N LYS B 322 -18.96 6.87 -26.75
CA LYS B 322 -19.33 7.43 -25.45
C LYS B 322 -20.77 7.94 -25.49
N ASN B 323 -21.18 8.47 -26.64
CA ASN B 323 -22.54 8.97 -26.77
C ASN B 323 -23.50 7.79 -26.69
N LYS B 324 -22.99 6.60 -27.00
CA LYS B 324 -23.78 5.38 -26.94
C LYS B 324 -23.56 4.65 -25.62
N GLN B 325 -22.95 5.34 -24.66
CA GLN B 325 -22.69 4.77 -23.36
C GLN B 325 -21.72 3.59 -23.44
N ILE B 326 -20.85 3.59 -24.44
CA ILE B 326 -19.86 2.53 -24.62
C ILE B 326 -18.47 3.10 -24.39
N GLU B 327 -17.78 2.59 -23.37
CA GLU B 327 -16.46 3.09 -23.02
C GLU B 327 -15.27 2.45 -23.73
N THR B 328 -14.44 3.30 -24.32
CA THR B 328 -13.21 2.89 -24.99
C THR B 328 -12.22 3.96 -24.53
N ARG B 329 -10.92 3.69 -24.65
CA ARG B 329 -9.92 4.66 -24.22
C ARG B 329 -8.71 4.62 -25.12
N PRO B 330 -7.87 5.66 -25.05
CA PRO B 330 -6.66 5.70 -25.87
C PRO B 330 -5.72 4.67 -25.24
N LEU B 331 -4.67 4.29 -25.96
CA LEU B 331 -3.71 3.36 -25.39
C LEU B 331 -2.85 4.16 -24.42
N TRP B 332 -2.00 3.48 -23.66
CA TRP B 332 -1.13 4.16 -22.71
C TRP B 332 -0.31 5.25 -23.39
N LYS B 333 -0.08 6.35 -22.68
CA LYS B 333 0.74 7.44 -23.23
C LYS B 333 2.13 7.27 -22.64
N ALA B 334 3.07 6.86 -23.49
CA ALA B 334 4.45 6.58 -23.11
C ALA B 334 5.08 7.53 -22.10
N MET B 335 5.86 6.96 -21.18
CA MET B 335 6.55 7.71 -20.13
C MET B 335 7.50 8.78 -20.63
N HIS B 336 8.12 8.56 -21.79
CA HIS B 336 9.05 9.55 -22.32
C HIS B 336 8.35 10.81 -22.84
N THR B 337 7.03 10.91 -22.65
CA THR B 337 6.32 12.12 -23.10
C THR B 337 5.65 12.74 -21.90
N GLN B 338 5.95 12.21 -20.72
CA GLN B 338 5.37 12.68 -19.47
C GLN B 338 6.24 13.70 -18.73
N GLU B 339 5.63 14.79 -18.31
CA GLU B 339 6.31 15.87 -17.59
C GLU B 339 7.06 15.39 -16.35
N VAL B 340 6.47 14.46 -15.61
CA VAL B 340 7.12 13.96 -14.40
C VAL B 340 8.52 13.42 -14.63
N PHE B 341 8.78 12.88 -15.83
CA PHE B 341 10.09 12.33 -16.12
C PHE B 341 10.98 13.26 -16.93
N LYS B 342 10.70 14.54 -16.84
CA LYS B 342 11.48 15.56 -17.54
C LYS B 342 12.97 15.37 -17.24
N GLY B 343 13.80 15.41 -18.28
CA GLY B 343 15.23 15.24 -18.10
C GLY B 343 15.76 13.82 -18.21
N ALA B 344 14.94 12.84 -17.84
CA ALA B 344 15.37 11.45 -17.90
C ALA B 344 15.63 11.03 -19.35
N LYS B 345 16.48 10.04 -19.54
CA LYS B 345 16.81 9.58 -20.88
C LYS B 345 15.84 8.54 -21.43
N ALA B 346 15.65 8.55 -22.75
CA ALA B 346 14.77 7.60 -23.41
C ALA B 346 15.26 7.27 -24.82
N TYR B 347 15.30 5.98 -25.17
CA TYR B 347 15.71 5.54 -26.49
C TYR B 347 14.44 5.21 -27.27
N LEU B 348 14.23 5.91 -28.38
CA LEU B 348 13.01 5.74 -29.15
C LEU B 348 13.17 5.31 -30.60
N ASN B 349 12.09 4.78 -31.16
CA ASN B 349 12.07 4.38 -32.56
C ASN B 349 10.78 4.91 -33.18
N GLY B 350 9.98 5.60 -32.37
CA GLY B 350 8.74 6.19 -32.83
C GLY B 350 7.49 5.32 -32.70
N ASN B 351 7.66 4.07 -32.31
CA ASN B 351 6.53 3.16 -32.22
C ASN B 351 5.47 3.45 -31.16
N SER B 352 5.87 3.59 -29.89
CA SER B 352 4.89 3.84 -28.84
C SER B 352 4.03 5.09 -29.10
N GLU B 353 4.63 6.12 -29.70
CA GLU B 353 3.89 7.35 -30.00
C GLU B 353 2.92 7.12 -31.14
N LEU B 354 3.35 6.34 -32.13
CA LEU B 354 2.50 6.03 -33.28
C LEU B 354 1.30 5.20 -32.81
N PHE B 355 1.56 4.22 -31.94
CA PHE B 355 0.51 3.36 -31.42
C PHE B 355 -0.48 4.19 -30.61
N PHE B 356 0.02 5.21 -29.92
CA PHE B 356 -0.86 6.06 -29.14
C PHE B 356 -1.80 6.86 -30.04
N GLN B 357 -1.29 7.39 -31.15
CA GLN B 357 -2.16 8.17 -32.01
C GLN B 357 -3.15 7.36 -32.83
N LYS B 358 -2.79 6.14 -33.19
CA LYS B 358 -3.67 5.30 -34.00
C LYS B 358 -4.36 4.17 -33.25
N GLY B 359 -4.14 4.08 -31.95
CA GLY B 359 -4.71 2.98 -31.20
C GLY B 359 -6.00 3.23 -30.43
N ILE B 360 -6.68 2.13 -30.14
CA ILE B 360 -7.93 2.18 -29.39
C ILE B 360 -8.03 0.93 -28.51
N CYS B 361 -8.44 1.13 -27.27
CA CYS B 361 -8.63 0.05 -26.32
C CYS B 361 -10.13 -0.20 -26.34
N LEU B 362 -10.51 -1.44 -26.66
CA LEU B 362 -11.91 -1.82 -26.78
C LEU B 362 -12.54 -2.52 -25.58
N PRO B 363 -13.88 -2.46 -25.46
CA PRO B 363 -14.58 -3.11 -24.35
C PRO B 363 -14.16 -4.58 -24.38
N SER B 364 -13.75 -5.13 -23.23
CA SER B 364 -13.31 -6.51 -23.20
C SER B 364 -13.88 -7.32 -22.04
N GLY B 365 -15.06 -6.95 -21.55
CA GLY B 365 -15.65 -7.70 -20.45
C GLY B 365 -15.93 -9.14 -20.90
N THR B 366 -15.62 -10.11 -20.05
CA THR B 366 -15.85 -11.51 -20.41
C THR B 366 -17.32 -11.87 -20.50
N ALA B 367 -18.19 -11.06 -19.90
CA ALA B 367 -19.62 -11.31 -19.94
C ALA B 367 -20.22 -11.01 -21.31
N MET B 368 -19.42 -10.42 -22.19
CA MET B 368 -19.87 -10.07 -23.55
C MET B 368 -20.06 -11.28 -24.45
N SER B 369 -21.16 -11.29 -25.19
CA SER B 369 -21.45 -12.39 -26.11
C SER B 369 -20.93 -12.00 -27.48
N LYS B 370 -20.92 -12.94 -28.41
CA LYS B 370 -20.46 -12.65 -29.74
C LYS B 370 -21.32 -11.54 -30.36
N ASP B 371 -22.61 -11.52 -30.04
CA ASP B 371 -23.51 -10.51 -30.56
C ASP B 371 -23.16 -9.12 -30.03
N ASP B 372 -22.85 -9.05 -28.74
CA ASP B 372 -22.48 -7.78 -28.13
C ASP B 372 -21.27 -7.20 -28.83
N VAL B 373 -20.26 -8.02 -29.09
CA VAL B 373 -19.04 -7.56 -29.74
C VAL B 373 -19.34 -7.13 -31.17
N TYR B 374 -20.27 -7.85 -31.82
CA TYR B 374 -20.66 -7.53 -33.18
C TYR B 374 -21.34 -6.15 -33.23
N GLU B 375 -22.30 -5.95 -32.33
CA GLU B 375 -23.02 -4.69 -32.25
C GLU B 375 -22.08 -3.53 -31.96
N ILE B 376 -21.11 -3.76 -31.09
CA ILE B 376 -20.14 -2.73 -30.76
C ILE B 376 -19.30 -2.46 -32.00
N SER B 377 -18.95 -3.52 -32.71
CA SER B 377 -18.16 -3.39 -33.92
C SER B 377 -18.92 -2.60 -34.98
N LYS B 378 -20.24 -2.83 -35.07
CA LYS B 378 -21.06 -2.12 -36.02
C LYS B 378 -20.97 -0.62 -35.79
N LEU B 379 -21.18 -0.18 -34.54
CA LEU B 379 -21.10 1.24 -34.21
C LEU B 379 -19.75 1.80 -34.61
N ILE B 380 -18.70 1.03 -34.35
CA ILE B 380 -17.34 1.45 -34.67
C ILE B 380 -17.21 1.66 -36.18
N LEU B 381 -17.62 0.67 -36.95
CA LEU B 381 -17.53 0.76 -38.40
C LEU B 381 -18.32 1.96 -38.92
N LYS B 382 -19.41 2.30 -38.24
CA LYS B 382 -20.22 3.44 -38.64
C LYS B 382 -19.51 4.73 -38.28
N SER B 383 -18.81 4.72 -37.14
CA SER B 383 -18.08 5.90 -36.70
C SER B 383 -17.00 6.28 -37.70
N ILE B 384 -16.19 5.30 -38.07
CA ILE B 384 -15.11 5.54 -39.04
C ILE B 384 -15.69 5.50 -40.44
N LYS B 385 -16.99 5.21 -40.52
CA LYS B 385 -17.70 5.12 -41.79
C LYS B 385 -17.01 4.14 -42.73
C ACT C . 8.29 8.46 -1.97
O ACT C . 8.68 8.85 -3.09
OXT ACT C . 7.25 8.87 -1.43
CH3 ACT C . 9.14 7.45 -1.23
C1 BME D . 16.42 4.56 9.55
C2 BME D . 15.93 5.29 8.34
O1 BME D . 17.00 3.31 9.22
S2 BME D . 14.65 6.44 8.72
C1 BME E . 19.36 17.90 14.20
C2 BME E . 17.90 17.80 14.62
O1 BME E . 19.84 19.10 13.62
S2 BME E . 17.72 17.80 16.39
C1 BME F . -3.08 -9.09 22.97
C2 BME F . -2.58 -8.04 23.94
O1 BME F . -4.21 -8.56 22.28
S2 BME F . -1.49 -6.82 23.22
C ACT G . 17.80 -5.67 0.64
O ACT G . 17.23 -6.76 0.86
OXT ACT G . 17.45 -4.60 1.18
CH3 ACT G . 18.99 -5.64 -0.31
C ACT H . 11.45 3.26 0.39
O ACT H . 12.04 3.62 1.42
OXT ACT H . 11.45 2.09 -0.01
CH3 ACT H . 10.72 4.30 -0.42
C1 BME I . 10.36 11.42 -11.14
C2 BME I . 11.47 10.75 -10.40
O1 BME I . 10.44 12.82 -10.99
S2 BME I . 11.63 9.00 -10.72
C1 BME J . 14.97 11.31 -35.90
C2 BME J . 13.98 10.65 -36.85
O1 BME J . 14.66 12.59 -35.34
S2 BME J . 12.32 11.31 -36.68
C1 BME K . -11.80 -1.13 -22.42
C2 BME K . -10.97 0.12 -22.64
O1 BME K . -12.48 -1.18 -21.18
S2 BME K . -9.21 0.20 -22.13
#